data_3WY4
#
_entry.id   3WY4
#
_cell.length_a   111.464
_cell.length_b   181.062
_cell.length_c   51.933
_cell.angle_alpha   90.00
_cell.angle_beta   90.00
_cell.angle_gamma   90.00
#
_symmetry.space_group_name_H-M   'P 21 21 2'
#
loop_
_entity.id
_entity.type
_entity.pdbx_description
1 polymer Alpha-glucosidase
2 branched alpha-D-glucopyranose-(1-4)-alpha-D-glucopyranose
3 non-polymer 'MAGNESIUM ION'
4 non-polymer GLYCEROL
5 water water
#
_entity_poly.entity_id   1
_entity_poly.type   'polypeptide(L)'
_entity_poly.pdbx_seq_one_letter_code
;MQDNMMWWRGGVIYQIYPRSFLDSRGDGVGDLNGITEKLDYVASLNVDGIWLSPFFTSPMLDFGYDVSDYRDVDPMFGTL
EDFKALLEKAHSLGLKVMIDQVISHTSDQHPWFQESRQNRTNPKADWFVWADPKPDGTPPNNWLSIFGGSAWTFDSRRQQ
YYLHNFLTSQPDVNFHHPEARQAQLDNMRFWLDLGVDGFRLDTVNFYFHDAELRDNPPVPKGEAKTLGAPEANPYTWQRH
VYDLSRPENLDFLKDLRALMDEYPGTTTVGQIGDDNPLERMAEYTAGGDKLHMAYTFDLLNMPHSASYLREVIERFQRLA
GDAWPCWATSNHDVVRSATRWGADEDPHAYPKVMLAVLFSLRGSVCLYQGEELGLPEADVPFERIQDPYGKVLWPEFKGR
DGCRTPMPWTDGEQGGFSPVEPWLPMEARHLELAVSRQQDDPNATLNTVRALLAFRRSHPALFDGDLSLVDVGDDLLGFT
RQKGDETLLCVFNLTGQEQQTTLPVEVASDLPVAHFTATRDGSTLTLPAYQAAFMQVA
;
_entity_poly.pdbx_strand_id   A,B
#
# COMPACT_ATOMS: atom_id res chain seq x y z
N ASN A 4 -26.45 11.12 38.82
CA ASN A 4 -26.61 12.02 37.69
C ASN A 4 -26.42 11.29 36.36
N MET A 5 -27.52 10.86 35.77
CA MET A 5 -27.47 10.08 34.53
C MET A 5 -27.22 10.95 33.30
N MET A 6 -27.21 12.27 33.49
CA MET A 6 -27.02 13.20 32.38
C MET A 6 -25.66 13.91 32.46
N TRP A 7 -24.68 13.23 33.05
CA TRP A 7 -23.34 13.79 33.18
C TRP A 7 -22.69 14.03 31.83
N TRP A 8 -23.05 13.18 30.86
CA TRP A 8 -22.42 13.20 29.54
C TRP A 8 -22.88 14.39 28.70
N ARG A 9 -24.08 14.86 28.96
CA ARG A 9 -24.66 15.94 28.16
C ARG A 9 -24.10 17.30 28.58
N GLY A 10 -22.85 17.55 28.18
CA GLY A 10 -22.19 18.80 28.51
C GLY A 10 -20.88 18.56 29.23
N GLY A 11 -20.59 17.30 29.55
CA GLY A 11 -19.39 16.94 30.27
C GLY A 11 -18.14 17.03 29.41
N VAL A 12 -16.99 17.15 30.07
CA VAL A 12 -15.71 17.24 29.38
C VAL A 12 -14.95 15.92 29.48
N ILE A 13 -14.56 15.38 28.33
CA ILE A 13 -13.88 14.10 28.26
C ILE A 13 -12.43 14.27 27.80
N TYR A 14 -11.51 13.62 28.49
CA TYR A 14 -10.08 13.71 28.18
C TYR A 14 -9.62 12.49 27.40
N GLN A 15 -9.28 12.69 26.13
CA GLN A 15 -8.85 11.56 25.30
C GLN A 15 -7.42 11.14 25.59
N ILE A 16 -7.24 9.83 25.80
CA ILE A 16 -5.91 9.28 26.04
C ILE A 16 -5.54 8.32 24.92
N TYR A 17 -4.39 8.58 24.30
CA TYR A 17 -3.85 7.71 23.27
C TYR A 17 -2.82 6.79 23.92
N PRO A 18 -3.23 5.56 24.25
CA PRO A 18 -2.51 4.61 25.12
C PRO A 18 -1.04 4.42 24.76
N ARG A 19 -0.71 4.51 23.47
CA ARG A 19 0.65 4.26 23.01
C ARG A 19 1.60 5.40 23.32
N SER A 20 1.05 6.56 23.65
CA SER A 20 1.87 7.76 23.82
C SER A 20 1.59 8.52 25.11
N PHE A 21 1.02 7.84 26.11
CA PHE A 21 0.72 8.50 27.38
C PHE A 21 1.83 8.26 28.40
N LEU A 22 2.05 6.99 28.76
CA LEU A 22 3.14 6.65 29.69
C LEU A 22 3.57 5.19 29.56
N ASP A 23 4.86 4.99 29.34
CA ASP A 23 5.44 3.66 29.33
C ASP A 23 5.99 3.31 30.70
N SER A 24 5.43 2.28 31.33
CA SER A 24 5.85 1.87 32.66
C SER A 24 6.57 0.52 32.64
N ARG A 25 6.76 -0.01 31.44
CA ARG A 25 7.35 -1.34 31.29
C ARG A 25 8.72 -1.31 30.61
N GLY A 26 9.12 -0.11 30.17
CA GLY A 26 10.44 0.08 29.58
C GLY A 26 10.63 -0.59 28.24
N ASP A 27 9.60 -0.55 27.40
CA ASP A 27 9.71 -1.10 26.05
C ASP A 27 9.49 -0.02 24.99
N GLY A 28 9.29 1.22 25.44
CA GLY A 28 9.16 2.35 24.54
C GLY A 28 7.73 2.65 24.12
N VAL A 29 6.81 1.74 24.47
CA VAL A 29 5.41 1.91 24.13
C VAL A 29 4.57 2.11 25.38
N GLY A 30 3.66 3.08 25.32
CA GLY A 30 2.77 3.34 26.44
C GLY A 30 1.86 2.16 26.74
N ASP A 31 1.49 2.01 28.01
CA ASP A 31 0.64 0.89 28.43
C ASP A 31 -0.44 1.35 29.39
N LEU A 32 -1.32 0.43 29.77
CA LEU A 32 -2.47 0.75 30.61
C LEU A 32 -2.08 1.17 32.03
N ASN A 33 -1.09 0.50 32.61
CA ASN A 33 -0.65 0.80 33.97
C ASN A 33 -0.04 2.19 34.11
N GLY A 34 0.51 2.71 33.02
CA GLY A 34 1.02 4.07 33.01
C GLY A 34 -0.11 5.07 33.10
N ILE A 35 -1.17 4.82 32.33
CA ILE A 35 -2.38 5.62 32.38
C ILE A 35 -2.95 5.59 33.79
N THR A 36 -3.02 4.39 34.36
CA THR A 36 -3.45 4.21 35.73
C THR A 36 -2.60 5.05 36.68
N GLU A 37 -1.31 5.12 36.39
CA GLU A 37 -0.38 5.90 37.20
C GLU A 37 -0.62 7.40 37.07
N LYS A 38 -1.11 7.83 35.92
CA LYS A 38 -1.31 9.27 35.68
C LYS A 38 -2.77 9.73 35.79
N LEU A 39 -3.65 8.83 36.24
CA LEU A 39 -5.05 9.16 36.45
C LEU A 39 -5.24 10.30 37.46
N ASP A 40 -4.28 10.46 38.36
CA ASP A 40 -4.34 11.54 39.34
C ASP A 40 -4.15 12.89 38.65
N TYR A 41 -3.22 12.94 37.70
CA TYR A 41 -3.01 14.13 36.89
C TYR A 41 -4.26 14.42 36.06
N VAL A 42 -4.77 13.37 35.43
CA VAL A 42 -5.99 13.49 34.62
C VAL A 42 -7.14 14.09 35.45
N ALA A 43 -7.30 13.60 36.67
CA ALA A 43 -8.33 14.11 37.56
C ALA A 43 -8.02 15.53 38.00
N SER A 44 -6.73 15.86 38.08
CA SER A 44 -6.30 17.20 38.46
C SER A 44 -6.63 18.19 37.35
N LEU A 45 -6.82 17.68 36.14
CA LEU A 45 -7.23 18.53 35.02
C LEU A 45 -8.65 19.08 35.16
N ASN A 46 -9.39 18.58 36.15
CA ASN A 46 -10.79 18.94 36.38
C ASN A 46 -11.73 18.51 35.25
N VAL A 47 -11.39 17.42 34.58
CA VAL A 47 -12.25 16.84 33.56
C VAL A 47 -13.24 15.86 34.20
N ASP A 48 -14.26 15.48 33.46
CA ASP A 48 -15.31 14.62 34.00
C ASP A 48 -15.04 13.14 33.74
N GLY A 49 -14.21 12.84 32.75
CA GLY A 49 -13.91 11.46 32.41
C GLY A 49 -12.85 11.32 31.33
N ILE A 50 -12.62 10.08 30.90
CA ILE A 50 -11.62 9.81 29.88
C ILE A 50 -12.16 8.98 28.73
N TRP A 51 -11.53 9.13 27.57
CA TRP A 51 -11.79 8.27 26.42
C TRP A 51 -10.48 7.63 26.00
N LEU A 52 -10.45 6.30 26.01
CA LEU A 52 -9.25 5.56 25.63
C LEU A 52 -9.33 5.09 24.18
N SER A 53 -8.32 5.45 23.39
CA SER A 53 -8.17 4.90 22.05
C SER A 53 -7.93 3.39 22.18
N PRO A 54 -8.25 2.61 21.12
CA PRO A 54 -8.24 1.15 21.18
C PRO A 54 -6.98 0.55 21.80
N PHE A 55 -7.20 -0.34 22.77
CA PHE A 55 -6.11 -1.04 23.45
C PHE A 55 -6.32 -2.54 23.32
N PHE A 56 -7.25 -2.92 22.46
CA PHE A 56 -7.62 -4.31 22.27
C PHE A 56 -6.59 -5.05 21.44
N THR A 57 -6.73 -6.37 21.37
CA THR A 57 -5.78 -7.22 20.63
C THR A 57 -5.73 -6.80 19.16
N SER A 58 -4.54 -6.45 18.71
CA SER A 58 -4.37 -5.90 17.37
C SER A 58 -2.95 -6.08 16.84
N PRO A 59 -2.82 -6.33 15.52
CA PRO A 59 -1.52 -6.38 14.84
C PRO A 59 -0.89 -4.99 14.75
N MET A 60 -1.66 -3.97 15.13
CA MET A 60 -1.17 -2.59 15.22
C MET A 60 -0.75 -1.99 13.88
N LEU A 61 -1.33 -2.50 12.79
CA LEU A 61 -1.06 -1.94 11.47
C LEU A 61 -1.67 -0.54 11.35
N ASP A 62 -2.84 -0.37 11.97
CA ASP A 62 -3.45 0.96 12.09
C ASP A 62 -3.36 1.39 13.55
N PHE A 63 -2.49 0.71 14.29
CA PHE A 63 -2.20 1.02 15.69
C PHE A 63 -3.44 1.03 16.59
N GLY A 64 -4.11 -0.11 16.66
CA GLY A 64 -5.26 -0.27 17.54
C GLY A 64 -6.59 -0.41 16.81
N TYR A 65 -6.75 0.32 15.72
CA TYR A 65 -8.02 0.34 15.00
C TYR A 65 -8.19 -0.82 14.03
N ASP A 66 -7.25 -1.76 14.05
CA ASP A 66 -7.40 -3.02 13.34
C ASP A 66 -7.45 -4.16 14.36
N VAL A 67 -8.66 -4.46 14.83
CA VAL A 67 -8.85 -5.36 15.96
C VAL A 67 -8.96 -6.82 15.54
N SER A 68 -8.25 -7.69 16.27
CA SER A 68 -8.31 -9.13 16.03
C SER A 68 -9.07 -9.85 17.14
N ASP A 69 -9.26 -9.17 18.26
CA ASP A 69 -10.06 -9.71 19.36
C ASP A 69 -10.73 -8.55 20.10
N TYR A 70 -12.06 -8.54 20.09
CA TYR A 70 -12.82 -7.45 20.67
C TYR A 70 -12.92 -7.51 22.20
N ARG A 71 -12.73 -8.69 22.77
CA ARG A 71 -12.96 -8.88 24.19
C ARG A 71 -11.69 -9.18 24.98
N ASP A 72 -10.58 -8.56 24.59
CA ASP A 72 -9.32 -8.76 25.29
C ASP A 72 -8.36 -7.60 25.06
N VAL A 73 -7.45 -7.40 26.00
CA VAL A 73 -6.43 -6.36 25.90
C VAL A 73 -5.19 -6.90 25.21
N ASP A 74 -4.66 -6.16 24.25
CA ASP A 74 -3.42 -6.54 23.57
C ASP A 74 -2.28 -6.56 24.59
N PRO A 75 -1.48 -7.63 24.59
CA PRO A 75 -0.39 -7.86 25.55
C PRO A 75 0.63 -6.73 25.59
N MET A 76 0.68 -5.90 24.56
CA MET A 76 1.60 -4.77 24.50
C MET A 76 1.14 -3.64 25.42
N PHE A 77 -0.17 -3.57 25.65
CA PHE A 77 -0.73 -2.54 26.51
C PHE A 77 -0.95 -3.05 27.93
N GLY A 78 -1.06 -4.37 28.07
CA GLY A 78 -1.27 -4.98 29.37
C GLY A 78 -2.27 -6.12 29.33
N THR A 79 -3.06 -6.24 30.39
CA THR A 79 -4.04 -7.31 30.50
C THR A 79 -5.44 -6.77 30.77
N LEU A 80 -6.42 -7.66 30.79
CA LEU A 80 -7.80 -7.31 31.11
C LEU A 80 -7.87 -6.84 32.56
N GLU A 81 -7.12 -7.52 33.42
CA GLU A 81 -7.06 -7.18 34.84
C GLU A 81 -6.49 -5.78 35.04
N ASP A 82 -5.48 -5.44 34.24
CA ASP A 82 -4.90 -4.11 34.26
C ASP A 82 -5.97 -3.07 33.94
N PHE A 83 -6.81 -3.36 32.95
CA PHE A 83 -7.88 -2.47 32.58
C PHE A 83 -8.92 -2.34 33.68
N LYS A 84 -9.20 -3.44 34.38
CA LYS A 84 -10.13 -3.41 35.49
C LYS A 84 -9.59 -2.52 36.62
N ALA A 85 -8.29 -2.62 36.85
CA ALA A 85 -7.62 -1.77 37.84
C ALA A 85 -7.72 -0.30 37.45
N LEU A 86 -7.44 -0.02 36.17
CA LEU A 86 -7.54 1.34 35.64
C LEU A 86 -8.95 1.89 35.84
N LEU A 87 -9.94 1.07 35.52
CA LEU A 87 -11.34 1.44 35.64
C LEU A 87 -11.70 1.78 37.09
N GLU A 88 -11.27 0.91 38.01
CA GLU A 88 -11.56 1.13 39.42
C GLU A 88 -10.91 2.39 39.96
N LYS A 89 -9.63 2.61 39.63
CA LYS A 89 -8.94 3.79 40.10
C LYS A 89 -9.55 5.07 39.53
N ALA A 90 -9.92 5.02 38.25
CA ALA A 90 -10.55 6.16 37.60
C ALA A 90 -11.89 6.48 38.25
N HIS A 91 -12.64 5.44 38.58
CA HIS A 91 -13.93 5.62 39.26
C HIS A 91 -13.75 6.18 40.67
N SER A 92 -12.68 5.78 41.33
CA SER A 92 -12.41 6.26 42.68
C SER A 92 -12.02 7.74 42.69
N LEU A 93 -11.57 8.23 41.54
CA LEU A 93 -11.21 9.64 41.40
C LEU A 93 -12.36 10.46 40.84
N GLY A 94 -13.49 9.80 40.59
CA GLY A 94 -14.67 10.48 40.08
C GLY A 94 -14.64 10.65 38.57
N LEU A 95 -13.81 9.84 37.90
CA LEU A 95 -13.68 9.92 36.45
C LEU A 95 -14.50 8.82 35.76
N LYS A 96 -15.26 9.21 34.74
CA LYS A 96 -15.97 8.25 33.91
C LYS A 96 -14.98 7.64 32.93
N VAL A 97 -15.22 6.40 32.53
CA VAL A 97 -14.32 5.73 31.59
C VAL A 97 -15.04 5.31 30.31
N MET A 98 -14.66 5.93 29.21
CA MET A 98 -15.19 5.57 27.91
C MET A 98 -14.08 4.95 27.07
N ILE A 99 -14.39 3.88 26.35
CA ILE A 99 -13.41 3.23 25.50
C ILE A 99 -13.87 3.21 24.05
N ASP A 100 -12.90 3.14 23.13
CA ASP A 100 -13.21 3.10 21.71
C ASP A 100 -13.91 1.80 21.35
N GLN A 101 -14.74 1.84 20.32
CA GLN A 101 -15.35 0.63 19.78
C GLN A 101 -15.28 0.65 18.26
N VAL A 102 -14.42 -0.22 17.71
CA VAL A 102 -14.17 -0.25 16.28
C VAL A 102 -14.92 -1.43 15.65
N ILE A 103 -16.22 -1.26 15.45
CA ILE A 103 -17.07 -2.35 15.00
C ILE A 103 -17.42 -2.29 13.51
N SER A 104 -16.96 -1.25 12.83
CA SER A 104 -17.23 -1.11 11.40
C SER A 104 -16.32 -2.01 10.57
N HIS A 105 -15.15 -2.31 11.13
CA HIS A 105 -14.19 -3.17 10.44
C HIS A 105 -13.27 -3.87 11.44
N THR A 106 -12.84 -5.08 11.08
CA THR A 106 -11.92 -5.84 11.90
C THR A 106 -10.57 -5.91 11.21
N SER A 107 -9.58 -6.48 11.88
CA SER A 107 -8.32 -6.79 11.23
C SER A 107 -8.53 -8.04 10.38
N ASP A 108 -7.69 -8.25 9.37
CA ASP A 108 -7.81 -9.44 8.54
C ASP A 108 -7.33 -10.68 9.30
N GLN A 109 -6.69 -10.45 10.45
CA GLN A 109 -6.24 -11.54 11.30
C GLN A 109 -7.32 -11.94 12.30
N HIS A 110 -8.42 -11.22 12.30
CA HIS A 110 -9.56 -11.56 13.14
C HIS A 110 -10.14 -12.89 12.65
N PRO A 111 -10.44 -13.81 13.58
CA PRO A 111 -10.97 -15.15 13.28
C PRO A 111 -12.18 -15.10 12.35
N TRP A 112 -13.02 -14.08 12.52
CA TRP A 112 -14.19 -13.89 11.67
C TRP A 112 -13.81 -13.81 10.19
N PHE A 113 -12.84 -12.96 9.88
CA PHE A 113 -12.42 -12.78 8.50
C PHE A 113 -11.57 -13.95 8.00
N GLN A 114 -10.79 -14.54 8.91
CA GLN A 114 -9.98 -15.71 8.56
C GLN A 114 -10.88 -16.86 8.12
N GLU A 115 -12.04 -16.98 8.75
CA GLU A 115 -13.01 -17.99 8.36
C GLU A 115 -13.79 -17.55 7.12
N SER A 116 -14.11 -16.26 7.06
CA SER A 116 -14.92 -15.70 5.99
C SER A 116 -14.28 -15.81 4.61
N ARG A 117 -12.96 -15.69 4.57
CA ARG A 117 -12.24 -15.58 3.31
C ARG A 117 -11.94 -16.94 2.66
N GLN A 118 -12.21 -18.02 3.39
CA GLN A 118 -11.89 -19.36 2.89
C GLN A 118 -12.74 -19.77 1.69
N ASN A 119 -14.04 -19.47 1.75
CA ASN A 119 -14.95 -19.79 0.66
C ASN A 119 -16.24 -18.97 0.70
N ARG A 120 -17.22 -19.35 -0.11
CA ARG A 120 -18.48 -18.62 -0.18
C ARG A 120 -19.57 -19.27 0.66
N THR A 121 -19.28 -20.44 1.24
CA THR A 121 -20.30 -21.21 1.92
C THR A 121 -20.07 -21.34 3.43
N ASN A 122 -18.90 -20.93 3.89
CA ASN A 122 -18.57 -21.00 5.31
C ASN A 122 -19.52 -20.14 6.15
N PRO A 123 -19.75 -20.51 7.42
CA PRO A 123 -20.70 -19.83 8.31
C PRO A 123 -20.56 -18.31 8.38
N LYS A 124 -19.39 -17.78 8.07
CA LYS A 124 -19.17 -16.33 8.13
C LYS A 124 -18.89 -15.69 6.79
N ALA A 125 -19.36 -16.32 5.72
CA ALA A 125 -19.13 -15.83 4.36
C ALA A 125 -19.74 -14.44 4.12
N ASP A 126 -20.85 -14.17 4.79
CA ASP A 126 -21.56 -12.90 4.57
C ASP A 126 -21.37 -11.91 5.72
N TRP A 127 -20.41 -12.20 6.60
CA TRP A 127 -20.10 -11.30 7.70
C TRP A 127 -19.27 -10.11 7.21
N PHE A 128 -18.73 -10.23 6.00
CA PHE A 128 -17.96 -9.16 5.39
C PHE A 128 -18.49 -8.89 3.98
N VAL A 129 -18.09 -7.76 3.41
CA VAL A 129 -18.62 -7.34 2.12
C VAL A 129 -17.82 -7.94 0.96
N TRP A 130 -18.33 -9.02 0.39
CA TRP A 130 -17.70 -9.68 -0.74
C TRP A 130 -18.48 -9.41 -2.02
N ALA A 131 -17.75 -9.31 -3.14
CA ALA A 131 -18.38 -9.06 -4.43
C ALA A 131 -17.54 -9.59 -5.58
N ASP A 132 -18.22 -10.08 -6.61
CA ASP A 132 -17.55 -10.55 -7.82
C ASP A 132 -16.90 -9.38 -8.54
N PRO A 133 -15.76 -9.63 -9.19
CA PRO A 133 -15.11 -8.60 -10.00
C PRO A 133 -15.97 -8.27 -11.22
N LYS A 134 -15.76 -7.09 -11.80
CA LYS A 134 -16.38 -6.75 -13.07
C LYS A 134 -15.82 -7.69 -14.13
N PRO A 135 -16.56 -7.87 -15.24
CA PRO A 135 -16.12 -8.76 -16.34
C PRO A 135 -14.66 -8.56 -16.76
N ASP A 136 -14.13 -7.36 -16.59
CA ASP A 136 -12.74 -7.07 -16.93
C ASP A 136 -11.80 -7.31 -15.75
N GLY A 137 -12.34 -7.78 -14.63
CA GLY A 137 -11.54 -8.15 -13.49
C GLY A 137 -11.32 -7.04 -12.47
N THR A 138 -11.81 -5.85 -12.80
CA THR A 138 -11.63 -4.69 -11.93
C THR A 138 -12.63 -4.69 -10.78
N PRO A 139 -12.33 -3.95 -9.69
CA PRO A 139 -13.22 -3.77 -8.55
C PRO A 139 -14.67 -3.45 -8.93
N PRO A 140 -15.62 -3.86 -8.08
CA PRO A 140 -17.07 -3.72 -8.31
C PRO A 140 -17.51 -2.28 -8.60
N ASN A 141 -16.88 -1.31 -7.96
CA ASN A 141 -17.24 0.09 -8.19
C ASN A 141 -16.07 1.05 -8.03
N ASN A 142 -16.38 2.35 -7.93
CA ASN A 142 -15.36 3.37 -7.88
C ASN A 142 -15.04 3.85 -6.47
N TRP A 143 -15.45 3.06 -5.47
CA TRP A 143 -15.20 3.41 -4.07
C TRP A 143 -13.71 3.41 -3.77
N LEU A 144 -13.25 4.47 -3.09
CA LEU A 144 -11.83 4.63 -2.79
C LEU A 144 -11.54 4.42 -1.31
N SER A 145 -10.41 3.78 -1.03
CA SER A 145 -9.93 3.64 0.33
C SER A 145 -9.33 4.96 0.79
N ILE A 146 -9.66 5.37 2.01
CA ILE A 146 -9.14 6.61 2.57
C ILE A 146 -7.62 6.56 2.69
N PHE A 147 -7.09 5.39 3.00
CA PHE A 147 -5.66 5.22 3.17
C PHE A 147 -4.93 4.90 1.87
N GLY A 148 -5.63 5.05 0.75
CA GLY A 148 -5.01 4.89 -0.55
C GLY A 148 -5.51 3.72 -1.38
N GLY A 149 -5.64 3.94 -2.68
CA GLY A 149 -6.05 2.90 -3.60
C GLY A 149 -7.54 2.62 -3.56
N SER A 150 -7.95 1.56 -4.26
CA SER A 150 -9.35 1.16 -4.30
C SER A 150 -9.82 0.66 -2.94
N ALA A 151 -11.12 0.76 -2.69
CA ALA A 151 -11.70 0.29 -1.43
C ALA A 151 -11.97 -1.21 -1.50
N TRP A 152 -11.61 -1.82 -2.63
CA TRP A 152 -11.80 -3.26 -2.81
C TRP A 152 -10.46 -3.95 -2.99
N THR A 153 -10.32 -5.14 -2.41
CA THR A 153 -9.10 -5.93 -2.57
C THR A 153 -9.45 -7.36 -2.96
N PHE A 154 -8.83 -7.84 -4.05
CA PHE A 154 -9.13 -9.16 -4.57
C PHE A 154 -8.57 -10.29 -3.71
N ASP A 155 -9.39 -11.28 -3.45
CA ASP A 155 -8.97 -12.48 -2.74
C ASP A 155 -9.18 -13.69 -3.66
N SER A 156 -8.12 -14.47 -3.83
CA SER A 156 -8.10 -15.57 -4.79
C SER A 156 -8.80 -16.82 -4.29
N ARG A 157 -8.97 -16.92 -2.97
CA ARG A 157 -9.65 -18.07 -2.38
C ARG A 157 -11.12 -18.09 -2.79
N ARG A 158 -11.72 -16.92 -2.87
CA ARG A 158 -13.13 -16.80 -3.20
C ARG A 158 -13.35 -16.19 -4.57
N GLN A 159 -12.26 -15.87 -5.25
CA GLN A 159 -12.30 -15.16 -6.53
C GLN A 159 -13.08 -13.86 -6.40
N GLN A 160 -12.94 -13.19 -5.26
CA GLN A 160 -13.82 -12.06 -4.98
C GLN A 160 -13.13 -10.89 -4.27
N TYR A 161 -13.54 -9.67 -4.63
CA TYR A 161 -13.08 -8.48 -3.94
C TYR A 161 -13.79 -8.34 -2.61
N TYR A 162 -13.05 -7.94 -1.58
CA TYR A 162 -13.67 -7.58 -0.31
C TYR A 162 -13.50 -6.08 -0.06
N LEU A 163 -14.46 -5.50 0.65
CA LEU A 163 -14.49 -4.06 0.88
C LEU A 163 -13.66 -3.64 2.08
N HIS A 164 -12.93 -2.54 1.93
CA HIS A 164 -12.19 -1.94 3.03
C HIS A 164 -12.07 -0.43 2.83
N ASN A 165 -12.79 0.33 3.65
CA ASN A 165 -12.76 1.79 3.57
C ASN A 165 -11.40 2.35 4.00
N PHE A 166 -10.60 1.51 4.63
CA PHE A 166 -9.29 1.93 5.11
C PHE A 166 -8.21 0.96 4.62
N LEU A 167 -7.39 0.45 5.54
CA LEU A 167 -6.32 -0.47 5.17
C LEU A 167 -6.86 -1.76 4.55
N THR A 168 -6.06 -2.38 3.68
CA THR A 168 -6.43 -3.68 3.11
C THR A 168 -6.55 -4.71 4.21
N SER A 169 -5.81 -4.49 5.30
CA SER A 169 -5.85 -5.37 6.45
C SER A 169 -6.97 -4.96 7.40
N GLN A 170 -7.89 -4.14 6.90
CA GLN A 170 -9.07 -3.74 7.66
C GLN A 170 -10.36 -3.97 6.87
N PRO A 171 -10.73 -5.25 6.67
CA PRO A 171 -11.96 -5.56 5.94
C PRO A 171 -13.20 -5.09 6.69
N ASP A 172 -14.14 -4.49 5.96
CA ASP A 172 -15.34 -3.93 6.57
C ASP A 172 -16.38 -5.00 6.91
N VAL A 173 -17.05 -4.80 8.03
CA VAL A 173 -18.11 -5.70 8.47
C VAL A 173 -19.40 -5.44 7.70
N ASN A 174 -20.04 -6.52 7.24
CA ASN A 174 -21.30 -6.40 6.52
C ASN A 174 -22.48 -6.26 7.47
N PHE A 175 -22.92 -5.01 7.68
CA PHE A 175 -24.02 -4.73 8.60
C PHE A 175 -25.39 -5.11 8.03
N HIS A 176 -25.42 -5.47 6.75
CA HIS A 176 -26.65 -5.96 6.14
C HIS A 176 -26.92 -7.40 6.57
N HIS A 177 -25.96 -7.98 7.28
CA HIS A 177 -26.11 -9.31 7.85
C HIS A 177 -26.37 -9.18 9.35
N PRO A 178 -27.61 -9.46 9.78
CA PRO A 178 -28.09 -9.26 11.15
C PRO A 178 -27.20 -9.87 12.24
N GLU A 179 -26.75 -11.10 12.02
CA GLU A 179 -25.95 -11.80 13.03
C GLU A 179 -24.62 -11.10 13.30
N ALA A 180 -24.10 -10.41 12.30
CA ALA A 180 -22.87 -9.63 12.47
C ALA A 180 -23.13 -8.43 13.37
N ARG A 181 -24.20 -7.69 13.08
CA ARG A 181 -24.62 -6.57 13.89
C ARG A 181 -24.77 -7.00 15.34
N GLN A 182 -25.47 -8.11 15.53
CA GLN A 182 -25.71 -8.62 16.88
C GLN A 182 -24.42 -9.07 17.55
N ALA A 183 -23.49 -9.59 16.76
CA ALA A 183 -22.20 -10.01 17.28
C ALA A 183 -21.44 -8.80 17.82
N GLN A 184 -21.49 -7.70 17.08
CA GLN A 184 -20.83 -6.48 17.54
C GLN A 184 -21.53 -5.90 18.77
N LEU A 185 -22.86 -5.98 18.79
CA LEU A 185 -23.64 -5.53 19.94
C LEU A 185 -23.25 -6.30 21.20
N ASP A 186 -23.08 -7.61 21.07
CA ASP A 186 -22.66 -8.45 22.18
C ASP A 186 -21.23 -8.09 22.60
N ASN A 187 -20.37 -7.86 21.60
CA ASN A 187 -19.00 -7.43 21.86
C ASN A 187 -18.95 -6.13 22.65
N MET A 188 -19.96 -5.29 22.47
CA MET A 188 -20.08 -4.07 23.27
C MET A 188 -20.65 -4.38 24.66
N ARG A 189 -21.58 -5.32 24.72
CA ARG A 189 -22.19 -5.72 25.98
C ARG A 189 -21.18 -6.33 26.94
N PHE A 190 -20.12 -6.92 26.40
CA PHE A 190 -19.02 -7.43 27.21
C PHE A 190 -18.42 -6.31 28.06
N TRP A 191 -17.93 -5.28 27.40
CA TRP A 191 -17.31 -4.14 28.08
C TRP A 191 -18.32 -3.40 28.95
N LEU A 192 -19.58 -3.36 28.50
CA LEU A 192 -20.64 -2.77 29.32
C LEU A 192 -20.82 -3.54 30.63
N ASP A 193 -20.69 -4.86 30.56
CA ASP A 193 -20.82 -5.70 31.74
C ASP A 193 -19.58 -5.58 32.63
N LEU A 194 -18.45 -5.22 32.03
CA LEU A 194 -17.26 -4.92 32.82
C LEU A 194 -17.44 -3.65 33.65
N GLY A 195 -18.35 -2.79 33.20
CA GLY A 195 -18.70 -1.60 33.97
C GLY A 195 -18.15 -0.30 33.42
N VAL A 196 -17.90 -0.26 32.11
CA VAL A 196 -17.42 0.97 31.49
C VAL A 196 -18.53 2.00 31.44
N ASP A 197 -18.16 3.27 31.33
CA ASP A 197 -19.13 4.36 31.40
C ASP A 197 -19.62 4.82 30.03
N GLY A 198 -19.02 4.30 28.96
CA GLY A 198 -19.43 4.67 27.62
C GLY A 198 -18.50 4.25 26.52
N PHE A 199 -18.85 4.60 25.29
CA PHE A 199 -18.09 4.21 24.11
C PHE A 199 -17.89 5.38 23.17
N ARG A 200 -16.70 5.48 22.59
CA ARG A 200 -16.48 6.32 21.43
C ARG A 200 -16.65 5.44 20.20
N LEU A 201 -17.67 5.74 19.41
CA LEU A 201 -17.98 4.89 18.26
C LEU A 201 -17.19 5.28 17.02
N ASP A 202 -16.21 4.44 16.68
CA ASP A 202 -15.32 4.67 15.56
C ASP A 202 -16.04 4.55 14.23
N THR A 203 -15.89 5.57 13.38
CA THR A 203 -16.52 5.60 12.05
C THR A 203 -18.00 5.24 12.12
N VAL A 204 -18.73 5.95 12.96
CA VAL A 204 -20.10 5.58 13.29
C VAL A 204 -21.07 5.60 12.09
N ASN A 205 -20.80 6.48 11.13
CA ASN A 205 -21.65 6.59 9.95
C ASN A 205 -21.21 5.66 8.83
N PHE A 206 -20.17 4.87 9.09
CA PHE A 206 -19.62 3.98 8.08
C PHE A 206 -20.24 2.59 8.10
N TYR A 207 -21.05 2.30 9.12
CA TYR A 207 -21.56 0.95 9.36
C TYR A 207 -22.18 0.25 8.15
N PHE A 208 -23.11 0.93 7.49
CA PHE A 208 -23.80 0.34 6.34
C PHE A 208 -23.27 0.88 5.01
N HIS A 209 -23.36 0.04 3.98
CA HIS A 209 -23.04 0.46 2.62
C HIS A 209 -24.22 0.14 1.71
N ASP A 210 -24.21 0.70 0.51
CA ASP A 210 -25.24 0.40 -0.48
C ASP A 210 -25.06 -1.04 -0.96
N ALA A 211 -26.09 -1.85 -0.75
CA ALA A 211 -26.05 -3.26 -1.15
C ALA A 211 -26.04 -3.40 -2.67
N GLU A 212 -26.43 -2.34 -3.37
CA GLU A 212 -26.44 -2.33 -4.83
C GLU A 212 -25.07 -1.95 -5.39
N LEU A 213 -24.17 -1.54 -4.51
CA LEU A 213 -22.79 -1.21 -4.87
C LEU A 213 -22.70 -0.14 -5.95
N ARG A 214 -23.58 0.85 -5.87
CA ARG A 214 -23.63 1.92 -6.87
C ARG A 214 -22.42 2.85 -6.81
N ASP A 215 -22.03 3.36 -7.97
CA ASP A 215 -20.89 4.27 -8.07
C ASP A 215 -21.18 5.60 -7.41
N ASN A 216 -20.14 6.22 -6.86
CA ASN A 216 -20.25 7.56 -6.30
C ASN A 216 -20.09 8.63 -7.37
N PRO A 217 -20.90 9.69 -7.29
CA PRO A 217 -20.75 10.81 -8.21
C PRO A 217 -19.51 11.63 -7.88
N PRO A 218 -18.86 12.21 -8.90
CA PRO A 218 -17.67 13.02 -8.67
C PRO A 218 -18.01 14.35 -8.01
N VAL A 219 -17.04 14.97 -7.35
CA VAL A 219 -17.24 16.28 -6.76
C VAL A 219 -16.98 17.36 -7.80
N PRO A 220 -17.95 18.28 -7.95
CA PRO A 220 -17.83 19.43 -8.86
C PRO A 220 -16.54 20.20 -8.58
N LYS A 221 -15.78 20.47 -9.63
CA LYS A 221 -14.45 21.05 -9.48
C LYS A 221 -14.54 22.49 -8.99
N GLY A 222 -13.93 22.76 -7.85
CA GLY A 222 -13.98 24.08 -7.25
C GLY A 222 -14.84 24.12 -6.01
N GLU A 223 -15.45 22.99 -5.68
CA GLU A 223 -16.24 22.88 -4.48
C GLU A 223 -15.39 22.54 -3.27
N ALA A 224 -15.90 22.85 -2.08
CA ALA A 224 -15.20 22.54 -0.84
C ALA A 224 -15.11 21.03 -0.65
N LYS A 225 -13.89 20.53 -0.52
CA LYS A 225 -13.67 19.10 -0.29
C LYS A 225 -14.15 18.70 1.10
N THR A 226 -14.31 17.40 1.32
CA THR A 226 -14.70 16.89 2.62
C THR A 226 -13.64 17.21 3.66
N LEU A 227 -14.06 17.37 4.91
CA LEU A 227 -13.17 17.82 5.97
C LEU A 227 -12.44 16.68 6.68
N GLY A 228 -12.80 15.45 6.34
CA GLY A 228 -12.23 14.29 6.98
C GLY A 228 -10.99 13.73 6.29
N ALA A 229 -10.48 14.47 5.32
CA ALA A 229 -9.33 14.04 4.55
C ALA A 229 -8.53 15.23 4.01
N PRO A 230 -7.21 15.06 3.85
CA PRO A 230 -6.38 16.11 3.26
C PRO A 230 -6.72 16.35 1.80
N GLU A 231 -6.37 17.53 1.29
CA GLU A 231 -6.69 17.90 -0.09
C GLU A 231 -6.03 16.99 -1.11
N ALA A 232 -4.80 16.55 -0.82
CA ALA A 232 -4.03 15.73 -1.74
C ALA A 232 -4.58 14.31 -1.89
N ASN A 233 -5.58 13.96 -1.09
CA ASN A 233 -6.18 12.64 -1.13
C ASN A 233 -7.28 12.55 -2.20
N PRO A 234 -7.11 11.62 -3.15
CA PRO A 234 -8.08 11.36 -4.22
C PRO A 234 -9.47 11.01 -3.69
N TYR A 235 -9.53 10.57 -2.44
CA TYR A 235 -10.78 10.25 -1.77
C TYR A 235 -11.73 11.45 -1.75
N THR A 236 -11.15 12.64 -1.85
CA THR A 236 -11.93 13.89 -1.82
C THR A 236 -12.48 14.26 -3.19
N TRP A 237 -12.20 13.45 -4.20
CA TRP A 237 -12.65 13.75 -5.56
C TRP A 237 -14.08 13.32 -5.84
N GLN A 238 -14.61 12.42 -5.01
CA GLN A 238 -15.96 11.91 -5.22
C GLN A 238 -16.86 12.14 -4.02
N ARG A 239 -18.14 12.39 -4.29
CA ARG A 239 -19.13 12.55 -3.24
C ARG A 239 -19.52 11.19 -2.68
N HIS A 240 -19.45 11.06 -1.36
CA HIS A 240 -19.68 9.76 -0.71
C HIS A 240 -21.11 9.61 -0.22
N VAL A 241 -21.91 8.90 -1.01
CA VAL A 241 -23.33 8.71 -0.69
C VAL A 241 -23.70 7.23 -0.60
N TYR A 242 -22.99 6.39 -1.33
CA TYR A 242 -23.30 4.96 -1.38
C TYR A 242 -22.34 4.10 -0.56
N ASP A 243 -21.14 4.63 -0.30
CA ASP A 243 -20.13 3.89 0.43
C ASP A 243 -20.28 4.04 1.95
N LEU A 244 -21.05 5.02 2.37
CA LEU A 244 -21.39 5.18 3.79
C LEU A 244 -22.68 5.99 3.99
N SER A 245 -23.03 6.22 5.26
CA SER A 245 -24.21 7.00 5.62
C SER A 245 -25.50 6.51 4.97
N ARG A 246 -25.79 5.22 5.16
CA ARG A 246 -27.01 4.62 4.63
C ARG A 246 -28.17 4.84 5.60
N PRO A 247 -29.40 4.85 5.09
CA PRO A 247 -30.60 5.00 5.93
C PRO A 247 -30.68 3.95 7.03
N GLU A 248 -30.44 2.69 6.66
CA GLU A 248 -30.51 1.56 7.60
C GLU A 248 -29.72 1.82 8.88
N ASN A 249 -28.60 2.52 8.74
CA ASN A 249 -27.74 2.85 9.88
C ASN A 249 -28.53 3.46 11.03
N LEU A 250 -29.43 4.39 10.70
CA LEU A 250 -30.29 5.02 11.69
C LEU A 250 -30.95 3.97 12.57
N ASP A 251 -31.60 3.00 11.91
CA ASP A 251 -32.24 1.90 12.62
C ASP A 251 -31.26 1.24 13.57
N PHE A 252 -30.09 0.89 13.05
CA PHE A 252 -29.07 0.24 13.87
C PHE A 252 -28.70 1.10 15.06
N LEU A 253 -28.59 2.42 14.84
CA LEU A 253 -28.27 3.34 15.92
C LEU A 253 -29.25 3.12 17.06
N LYS A 254 -30.53 3.06 16.72
CA LYS A 254 -31.58 2.84 17.71
C LYS A 254 -31.26 1.58 18.50
N ASP A 255 -30.99 0.49 17.79
CA ASP A 255 -30.63 -0.77 18.43
C ASP A 255 -29.52 -0.53 19.42
N LEU A 256 -28.44 0.11 18.95
CA LEU A 256 -27.29 0.40 19.78
C LEU A 256 -27.73 1.16 21.01
N ARG A 257 -28.53 2.20 20.80
CA ARG A 257 -29.00 3.04 21.89
C ARG A 257 -29.73 2.19 22.92
N ALA A 258 -30.56 1.27 22.43
CA ALA A 258 -31.33 0.40 23.32
C ALA A 258 -30.38 -0.36 24.23
N LEU A 259 -29.30 -0.87 23.65
CA LEU A 259 -28.30 -1.59 24.43
C LEU A 259 -27.75 -0.67 25.51
N MET A 260 -27.39 0.54 25.11
CA MET A 260 -26.84 1.51 26.04
C MET A 260 -27.88 1.88 27.10
N ASP A 261 -29.16 1.78 26.74
CA ASP A 261 -30.23 2.10 27.67
C ASP A 261 -30.41 1.03 28.73
N GLU A 262 -29.83 -0.15 28.49
CA GLU A 262 -29.88 -1.22 29.48
C GLU A 262 -28.94 -0.92 30.65
N TYR A 263 -28.03 0.02 30.43
CA TYR A 263 -27.05 0.41 31.44
C TYR A 263 -27.13 1.91 31.70
N PRO A 264 -27.98 2.32 32.64
CA PRO A 264 -28.18 3.73 32.98
C PRO A 264 -26.89 4.44 33.37
N GLY A 265 -26.70 5.65 32.86
CA GLY A 265 -25.51 6.43 33.17
C GLY A 265 -24.46 6.33 32.08
N THR A 266 -24.65 5.40 31.16
CA THR A 266 -23.71 5.21 30.05
C THR A 266 -24.03 6.14 28.88
N THR A 267 -23.05 6.36 28.03
CA THR A 267 -23.21 7.29 26.90
C THR A 267 -22.41 6.85 25.68
N THR A 268 -22.64 7.51 24.56
CA THR A 268 -21.91 7.22 23.33
C THR A 268 -21.56 8.50 22.59
N VAL A 269 -20.35 8.57 22.06
CA VAL A 269 -19.97 9.66 21.16
C VAL A 269 -19.46 9.09 19.83
N GLY A 270 -20.16 9.42 18.75
CA GLY A 270 -19.82 8.89 17.44
C GLY A 270 -18.88 9.80 16.67
N GLN A 271 -17.96 9.19 15.94
CA GLN A 271 -17.07 9.95 15.06
C GLN A 271 -17.67 10.04 13.67
N ILE A 272 -18.04 11.25 13.26
CA ILE A 272 -18.68 11.46 11.97
C ILE A 272 -17.68 11.81 10.88
N GLY A 273 -17.72 11.04 9.79
CA GLY A 273 -16.93 11.33 8.61
C GLY A 273 -17.84 11.38 7.40
N ASP A 274 -18.33 12.57 7.08
CA ASP A 274 -19.38 12.71 6.07
C ASP A 274 -19.22 14.00 5.26
N ASP A 275 -19.79 14.02 4.06
CA ASP A 275 -19.76 15.20 3.20
C ASP A 275 -20.49 16.38 3.84
N ASN A 276 -21.55 16.08 4.57
CA ASN A 276 -22.29 17.08 5.32
C ASN A 276 -22.32 16.71 6.80
N PRO A 277 -21.20 16.92 7.50
CA PRO A 277 -20.96 16.44 8.86
C PRO A 277 -21.93 16.96 9.93
N LEU A 278 -22.27 18.24 9.90
CA LEU A 278 -23.17 18.79 10.91
C LEU A 278 -24.57 18.20 10.79
N GLU A 279 -25.04 18.05 9.55
CA GLU A 279 -26.36 17.48 9.30
C GLU A 279 -26.39 16.02 9.73
N ARG A 280 -25.28 15.31 9.51
CA ARG A 280 -25.18 13.90 9.87
C ARG A 280 -25.14 13.73 11.39
N MET A 281 -24.41 14.61 12.07
CA MET A 281 -24.31 14.58 13.52
C MET A 281 -25.66 14.90 14.14
N ALA A 282 -26.31 15.94 13.63
CA ALA A 282 -27.62 16.36 14.13
C ALA A 282 -28.65 15.26 13.89
N GLU A 283 -28.55 14.59 12.76
CA GLU A 283 -29.45 13.50 12.43
C GLU A 283 -29.21 12.30 13.35
N TYR A 284 -27.95 12.06 13.69
CA TYR A 284 -27.58 10.90 14.49
C TYR A 284 -27.84 11.08 15.98
N THR A 285 -27.83 12.33 16.45
CA THR A 285 -27.94 12.58 17.89
C THR A 285 -29.30 13.13 18.31
N ALA A 286 -30.25 13.14 17.38
CA ALA A 286 -31.60 13.63 17.68
C ALA A 286 -32.55 12.48 18.02
N GLY A 287 -33.70 12.83 18.58
CA GLY A 287 -34.73 11.85 18.88
C GLY A 287 -34.61 11.23 20.26
N GLY A 288 -33.41 11.31 20.84
CA GLY A 288 -33.15 10.72 22.14
C GLY A 288 -33.24 9.20 22.13
N ASP A 289 -33.15 8.63 20.93
CA ASP A 289 -33.29 7.20 20.75
C ASP A 289 -32.15 6.64 19.90
N LYS A 290 -31.15 7.47 19.65
CA LYS A 290 -29.98 7.06 18.89
C LYS A 290 -28.70 7.44 19.64
N LEU A 291 -27.76 8.05 18.93
CA LEU A 291 -26.51 8.48 19.56
C LEU A 291 -26.75 9.57 20.59
N HIS A 292 -26.04 9.48 21.71
CA HIS A 292 -26.11 10.52 22.75
C HIS A 292 -25.48 11.79 22.23
N MET A 293 -24.32 11.66 21.60
CA MET A 293 -23.60 12.78 21.03
C MET A 293 -22.65 12.33 19.94
N ALA A 294 -22.02 13.29 19.25
CA ALA A 294 -21.09 12.98 18.17
C ALA A 294 -20.21 14.19 17.88
N TYR A 295 -19.07 13.94 17.25
CA TYR A 295 -18.18 15.03 16.83
C TYR A 295 -17.80 14.94 15.37
N THR A 296 -17.48 16.09 14.77
CA THR A 296 -17.15 16.16 13.35
C THR A 296 -15.78 16.78 13.12
N PHE A 297 -15.45 17.00 11.85
CA PHE A 297 -14.16 17.58 11.48
C PHE A 297 -14.26 19.09 11.26
N ASP A 298 -15.41 19.67 11.62
CA ASP A 298 -15.64 21.10 11.41
C ASP A 298 -14.69 21.97 12.23
N LEU A 299 -14.34 21.51 13.43
CA LEU A 299 -13.39 22.22 14.26
C LEU A 299 -12.05 21.48 14.28
N LEU A 300 -11.90 20.55 13.35
CA LEU A 300 -10.67 19.75 13.25
C LEU A 300 -9.93 20.04 11.95
N ASN A 301 -10.30 21.13 11.29
CA ASN A 301 -9.68 21.49 10.00
C ASN A 301 -8.93 22.81 10.07
N MET A 302 -8.79 23.47 8.92
CA MET A 302 -7.99 24.69 8.81
C MET A 302 -8.69 25.99 9.24
N PRO A 303 -9.94 26.24 8.78
CA PRO A 303 -10.59 27.49 9.20
C PRO A 303 -10.80 27.56 10.71
N HIS A 304 -10.64 28.74 11.29
CA HIS A 304 -10.69 28.88 12.74
C HIS A 304 -11.02 30.30 13.22
N SER A 305 -11.37 31.18 12.28
CA SER A 305 -11.69 32.56 12.63
C SER A 305 -13.04 32.63 13.35
N ALA A 306 -13.33 33.78 13.95
CA ALA A 306 -14.60 33.99 14.65
C ALA A 306 -15.78 33.88 13.68
N SER A 307 -15.57 34.36 12.45
CA SER A 307 -16.58 34.29 11.41
C SER A 307 -16.91 32.84 11.09
N TYR A 308 -15.89 32.01 10.97
CA TYR A 308 -16.07 30.59 10.66
C TYR A 308 -16.80 29.87 11.79
N LEU A 309 -16.40 30.16 13.02
CA LEU A 309 -17.05 29.55 14.18
C LEU A 309 -18.52 29.95 14.23
N ARG A 310 -18.79 31.22 13.95
CA ARG A 310 -20.16 31.71 13.86
C ARG A 310 -20.94 30.95 12.79
N GLU A 311 -20.29 30.70 11.66
CA GLU A 311 -20.92 29.96 10.57
C GLU A 311 -21.24 28.53 10.96
N VAL A 312 -20.32 27.88 11.67
CA VAL A 312 -20.53 26.52 12.14
C VAL A 312 -21.70 26.44 13.12
N ILE A 313 -21.68 27.35 14.09
CA ILE A 313 -22.76 27.42 15.08
C ILE A 313 -24.12 27.66 14.42
N GLU A 314 -24.16 28.62 13.50
CA GLU A 314 -25.39 28.92 12.76
C GLU A 314 -25.87 27.71 11.97
N ARG A 315 -24.95 27.04 11.30
CA ARG A 315 -25.27 25.86 10.50
C ARG A 315 -25.82 24.73 11.35
N PHE A 316 -25.30 24.59 12.56
CA PHE A 316 -25.80 23.54 13.46
C PHE A 316 -27.14 23.90 14.09
N GLN A 317 -27.34 25.18 14.39
CA GLN A 317 -28.59 25.63 14.98
C GLN A 317 -29.75 25.57 14.00
N ARG A 318 -29.43 25.49 12.71
CA ARG A 318 -30.43 25.30 11.67
C ARG A 318 -31.09 23.94 11.81
N LEU A 319 -30.32 22.95 12.24
CA LEU A 319 -30.79 21.57 12.32
C LEU A 319 -31.63 21.31 13.57
N ALA A 320 -31.81 20.04 13.88
CA ALA A 320 -32.65 19.61 15.00
C ALA A 320 -32.18 20.17 16.34
N GLY A 321 -33.13 20.73 17.09
CA GLY A 321 -32.82 21.35 18.37
C GLY A 321 -32.63 20.36 19.50
N ASP A 322 -33.07 19.11 19.29
CA ASP A 322 -32.92 18.08 20.29
C ASP A 322 -31.65 17.26 20.05
N ALA A 323 -30.82 17.73 19.13
CA ALA A 323 -29.54 17.10 18.86
C ALA A 323 -28.50 17.62 19.84
N TRP A 324 -27.48 16.82 20.12
CA TRP A 324 -26.43 17.22 21.05
C TRP A 324 -25.04 16.97 20.46
N PRO A 325 -24.26 18.04 20.27
CA PRO A 325 -22.92 17.95 19.69
C PRO A 325 -21.82 17.76 20.73
N CYS A 326 -20.74 17.10 20.33
CA CYS A 326 -19.52 17.07 21.11
C CYS A 326 -18.47 17.81 20.31
N TRP A 327 -17.81 18.77 20.95
CA TRP A 327 -16.84 19.61 20.24
C TRP A 327 -15.40 19.23 20.58
N ALA A 328 -14.58 19.08 19.54
CA ALA A 328 -13.18 18.75 19.70
C ALA A 328 -12.32 19.57 18.74
N THR A 329 -11.18 20.03 19.23
CA THR A 329 -10.26 20.81 18.40
C THR A 329 -8.97 20.03 18.13
N SER A 330 -8.86 18.85 18.72
CA SER A 330 -7.70 18.00 18.52
C SER A 330 -7.99 16.53 18.84
N ASN A 331 -7.31 15.65 18.11
CA ASN A 331 -7.33 14.22 18.42
C ASN A 331 -6.15 13.49 17.77
N HIS A 332 -6.28 12.18 17.65
CA HIS A 332 -5.20 11.34 17.13
C HIS A 332 -5.19 11.27 15.60
N ASP A 333 -6.05 12.06 14.96
CA ASP A 333 -6.18 12.00 13.51
C ASP A 333 -5.79 13.29 12.80
N VAL A 334 -5.68 14.38 13.56
CA VAL A 334 -5.40 15.68 12.96
C VAL A 334 -4.17 16.35 13.56
N VAL A 335 -3.66 17.36 12.86
CA VAL A 335 -2.58 18.18 13.37
C VAL A 335 -3.04 18.87 14.65
N ARG A 336 -2.18 18.90 15.66
CA ARG A 336 -2.50 19.54 16.94
C ARG A 336 -3.00 20.97 16.75
N SER A 337 -4.05 21.33 17.48
CA SER A 337 -4.72 22.61 17.32
C SER A 337 -3.79 23.81 17.53
N ALA A 338 -2.83 23.66 18.43
CA ALA A 338 -1.87 24.71 18.71
C ALA A 338 -1.06 25.05 17.45
N THR A 339 -0.91 24.07 16.57
CA THR A 339 -0.25 24.28 15.29
C THR A 339 -1.25 24.44 14.15
N ARG A 340 -2.25 23.57 14.11
CA ARG A 340 -3.25 23.59 13.05
C ARG A 340 -4.02 24.91 13.00
N TRP A 341 -4.33 25.45 14.18
CA TRP A 341 -5.08 26.70 14.28
C TRP A 341 -4.20 27.89 14.65
N GLY A 342 -3.19 27.66 15.48
CA GLY A 342 -2.40 28.76 16.01
C GLY A 342 -0.94 28.79 15.66
N ALA A 343 -0.60 28.35 14.45
CA ALA A 343 0.78 28.40 13.98
C ALA A 343 1.21 29.85 13.78
N ASP A 344 0.30 30.67 13.26
CA ASP A 344 0.58 32.07 13.00
C ASP A 344 0.11 32.95 14.16
N GLU A 345 -0.23 32.32 15.28
CA GLU A 345 -0.70 33.06 16.45
C GLU A 345 0.30 32.92 17.59
N ASP A 346 0.02 33.58 18.71
CA ASP A 346 0.87 33.51 19.89
C ASP A 346 0.90 32.08 20.43
N PRO A 347 2.11 31.55 20.65
CA PRO A 347 2.31 30.16 21.08
C PRO A 347 1.72 29.86 22.45
N HIS A 348 1.65 30.87 23.32
CA HIS A 348 1.14 30.66 24.67
C HIS A 348 -0.24 31.31 24.90
N ALA A 349 -0.48 32.44 24.25
CA ALA A 349 -1.71 33.19 24.46
C ALA A 349 -2.90 32.59 23.72
N TYR A 350 -2.69 32.22 22.46
CA TYR A 350 -3.77 31.70 21.62
C TYR A 350 -4.45 30.40 22.11
N PRO A 351 -3.65 29.37 22.49
CA PRO A 351 -4.31 28.14 22.95
C PRO A 351 -5.22 28.35 24.14
N LYS A 352 -4.90 29.34 24.99
CA LYS A 352 -5.73 29.64 26.15
C LYS A 352 -7.13 30.10 25.75
N VAL A 353 -7.20 31.12 24.89
CA VAL A 353 -8.48 31.64 24.45
C VAL A 353 -9.22 30.64 23.55
N MET A 354 -8.47 29.86 22.80
CA MET A 354 -9.06 28.83 21.96
C MET A 354 -9.76 27.79 22.83
N LEU A 355 -9.07 27.38 23.90
CA LEU A 355 -9.64 26.43 24.84
C LEU A 355 -10.81 27.04 25.61
N ALA A 356 -10.76 28.36 25.81
CA ALA A 356 -11.88 29.06 26.43
C ALA A 356 -13.12 28.96 25.54
N VAL A 357 -12.91 29.21 24.25
CA VAL A 357 -13.99 29.08 23.26
C VAL A 357 -14.54 27.66 23.24
N LEU A 358 -13.63 26.68 23.19
CA LEU A 358 -14.02 25.27 23.16
C LEU A 358 -14.83 24.88 24.39
N PHE A 359 -14.43 25.42 25.54
CA PHE A 359 -15.11 25.12 26.80
C PHE A 359 -16.39 25.93 26.95
N SER A 360 -16.58 26.93 26.10
CA SER A 360 -17.76 27.78 26.18
C SER A 360 -18.82 27.48 25.12
N LEU A 361 -18.52 26.54 24.24
CA LEU A 361 -19.49 26.13 23.22
C LEU A 361 -20.60 25.28 23.83
N ARG A 362 -21.80 25.38 23.29
CA ARG A 362 -22.92 24.57 23.77
C ARG A 362 -22.75 23.12 23.31
N GLY A 363 -22.54 22.23 24.26
CA GLY A 363 -22.35 20.82 23.96
C GLY A 363 -21.28 20.20 24.84
N SER A 364 -20.93 18.95 24.53
CA SER A 364 -19.86 18.27 25.25
C SER A 364 -18.52 18.60 24.61
N VAL A 365 -17.43 18.27 25.32
CA VAL A 365 -16.10 18.64 24.86
C VAL A 365 -15.16 17.44 24.87
N CYS A 366 -14.36 17.31 23.81
CA CYS A 366 -13.28 16.32 23.79
C CYS A 366 -11.93 17.02 23.78
N LEU A 367 -11.20 16.88 24.89
CA LEU A 367 -9.89 17.48 25.05
C LEU A 367 -8.80 16.43 24.84
N TYR A 368 -8.00 16.62 23.79
CA TYR A 368 -6.94 15.66 23.45
C TYR A 368 -5.75 15.81 24.38
N GLN A 369 -5.06 14.69 24.64
CA GLN A 369 -3.90 14.69 25.53
C GLN A 369 -2.79 15.60 25.01
N GLY A 370 -2.32 16.49 25.87
CA GLY A 370 -1.27 17.42 25.50
C GLY A 370 -1.79 18.78 25.08
N GLU A 371 -3.05 18.82 24.66
CA GLU A 371 -3.66 20.07 24.22
C GLU A 371 -3.82 21.04 25.39
N GLU A 372 -3.85 20.50 26.61
CA GLU A 372 -3.94 21.31 27.82
C GLU A 372 -2.57 21.92 28.14
N LEU A 373 -1.54 21.46 27.45
CA LEU A 373 -0.19 21.98 27.64
C LEU A 373 0.19 22.92 26.51
N GLY A 374 -0.69 23.02 25.50
CA GLY A 374 -0.43 23.85 24.35
C GLY A 374 0.66 23.28 23.46
N LEU A 375 0.71 21.95 23.40
CA LEU A 375 1.72 21.26 22.61
C LEU A 375 1.47 21.46 21.11
N PRO A 376 2.51 21.88 20.38
CA PRO A 376 2.42 22.04 18.93
C PRO A 376 2.63 20.71 18.22
N GLU A 377 2.34 20.67 16.92
CA GLU A 377 2.55 19.47 16.13
C GLU A 377 4.02 19.15 16.01
N ALA A 378 4.37 17.88 16.18
CA ALA A 378 5.75 17.44 16.06
C ALA A 378 6.07 17.03 14.63
N ASP A 379 7.23 17.47 14.13
CA ASP A 379 7.67 17.11 12.79
C ASP A 379 8.48 15.82 12.84
N VAL A 380 7.86 14.72 12.46
CA VAL A 380 8.51 13.41 12.50
C VAL A 380 9.23 13.11 11.19
N PRO A 381 10.53 12.80 11.27
CA PRO A 381 11.34 12.46 10.10
C PRO A 381 10.82 11.20 9.39
N PHE A 382 11.19 11.04 8.12
CA PHE A 382 10.68 9.96 7.30
C PHE A 382 11.03 8.57 7.84
N GLU A 383 12.21 8.44 8.42
CA GLU A 383 12.68 7.15 8.90
C GLU A 383 12.08 6.78 10.26
N ARG A 384 11.30 7.69 10.83
CA ARG A 384 10.64 7.43 12.11
C ARG A 384 9.14 7.36 11.95
N ILE A 385 8.66 7.43 10.71
CA ILE A 385 7.24 7.37 10.42
C ILE A 385 6.67 5.98 10.72
N GLN A 386 5.60 5.95 11.50
CA GLN A 386 4.96 4.70 11.90
C GLN A 386 3.61 4.52 11.20
N ASP A 387 2.85 5.61 11.15
CA ASP A 387 1.52 5.61 10.54
C ASP A 387 1.61 5.30 9.04
N PRO A 388 0.95 4.22 8.61
CA PRO A 388 0.90 3.83 7.19
C PRO A 388 0.24 4.91 6.34
N TYR A 389 -0.61 5.71 6.95
CA TYR A 389 -1.27 6.82 6.27
C TYR A 389 -0.25 7.90 5.91
N GLY A 390 0.92 7.82 6.52
CA GLY A 390 1.98 8.79 6.26
C GLY A 390 2.99 8.31 5.25
N LYS A 391 2.64 7.26 4.51
CA LYS A 391 3.55 6.69 3.52
C LYS A 391 2.88 6.53 2.15
N VAL A 392 1.73 7.16 1.97
CA VAL A 392 0.99 7.06 0.72
C VAL A 392 0.90 8.40 -0.02
N LEU A 393 0.92 9.49 0.73
CA LEU A 393 0.80 10.82 0.12
C LEU A 393 1.97 11.73 0.48
N TRP A 394 3.09 11.12 0.87
CA TRP A 394 4.31 11.85 1.19
C TRP A 394 4.83 12.54 -0.08
N PRO A 395 5.32 13.79 0.06
CA PRO A 395 5.37 14.58 1.29
C PRO A 395 4.25 15.59 1.42
N GLU A 396 3.27 15.53 0.53
CA GLU A 396 2.13 16.46 0.58
C GLU A 396 1.32 16.23 1.85
N PHE A 397 1.22 14.97 2.26
CA PHE A 397 0.59 14.61 3.52
C PHE A 397 1.45 13.57 4.23
N LYS A 398 1.85 13.88 5.46
CA LYS A 398 2.84 13.05 6.16
C LYS A 398 2.25 12.17 7.26
N GLY A 399 0.93 12.04 7.27
CA GLY A 399 0.27 11.15 8.22
C GLY A 399 -0.18 11.83 9.49
N ARG A 400 -0.31 11.04 10.56
CA ARG A 400 -0.87 11.52 11.81
C ARG A 400 0.08 11.36 13.00
N ASP A 401 1.30 10.90 12.72
CA ASP A 401 2.27 10.63 13.78
C ASP A 401 2.69 11.89 14.55
N GLY A 402 2.49 13.05 13.94
CA GLY A 402 2.88 14.31 14.54
C GLY A 402 2.09 14.65 15.80
N CYS A 403 0.86 14.16 15.87
CA CYS A 403 0.02 14.39 17.03
C CYS A 403 0.03 13.18 17.96
N ARG A 404 0.84 12.18 17.62
CA ARG A 404 0.88 10.94 18.37
C ARG A 404 2.24 10.70 19.03
N THR A 405 3.05 11.74 19.12
CA THR A 405 4.33 11.66 19.81
C THR A 405 4.10 11.62 21.32
N PRO A 406 4.94 10.88 22.05
CA PRO A 406 4.78 10.61 23.49
C PRO A 406 4.58 11.85 24.37
N MET A 407 3.84 11.67 25.46
CA MET A 407 3.50 12.75 26.39
C MET A 407 4.72 13.20 27.19
N PRO A 408 5.00 14.51 27.20
CA PRO A 408 6.12 15.09 27.93
C PRO A 408 5.81 15.35 29.40
N TRP A 409 6.13 14.38 30.26
CA TRP A 409 5.87 14.51 31.69
C TRP A 409 6.91 15.38 32.38
N THR A 410 8.18 15.18 32.02
CA THR A 410 9.26 16.00 32.57
C THR A 410 10.10 16.56 31.43
N ASP A 411 11.11 17.36 31.79
CA ASP A 411 12.04 17.87 30.79
C ASP A 411 13.31 17.04 30.79
N GLY A 412 13.26 15.91 31.50
CA GLY A 412 14.37 14.98 31.55
C GLY A 412 14.50 14.19 30.26
N GLU A 413 15.21 13.07 30.32
CA GLU A 413 15.43 12.26 29.13
C GLU A 413 14.13 11.58 28.68
N GLN A 414 13.88 11.64 27.38
CA GLN A 414 12.66 11.11 26.77
C GLN A 414 11.40 11.66 27.43
N GLY A 415 11.50 12.87 27.98
CA GLY A 415 10.40 13.52 28.66
C GLY A 415 9.87 12.74 29.85
N GLY A 416 10.66 11.78 30.33
CA GLY A 416 10.24 10.93 31.43
C GLY A 416 9.11 9.99 31.01
N PHE A 417 8.93 9.83 29.70
CA PHE A 417 7.90 8.96 29.16
C PHE A 417 8.36 7.51 29.17
N SER A 418 9.66 7.30 28.93
CA SER A 418 10.20 5.96 28.84
C SER A 418 11.70 5.97 29.10
N PRO A 419 12.22 4.90 29.75
CA PRO A 419 13.66 4.78 30.00
C PRO A 419 14.45 4.43 28.73
N VAL A 420 13.72 4.14 27.65
CA VAL A 420 14.35 3.84 26.36
C VAL A 420 13.77 4.73 25.27
N GLU A 421 14.29 4.59 24.06
CA GLU A 421 13.79 5.35 22.91
C GLU A 421 12.38 4.89 22.55
N PRO A 422 11.39 5.79 22.69
CA PRO A 422 9.98 5.48 22.47
C PRO A 422 9.66 5.15 21.01
N TRP A 423 8.48 4.57 20.78
CA TRP A 423 8.08 4.14 19.44
C TRP A 423 8.01 5.32 18.47
N LEU A 424 7.62 6.48 18.97
CA LEU A 424 7.74 7.72 18.23
C LEU A 424 8.66 8.65 19.02
N PRO A 425 9.50 9.41 18.30
CA PRO A 425 10.50 10.26 18.97
C PRO A 425 9.87 11.37 19.82
N MET A 426 10.56 11.77 20.87
CA MET A 426 10.10 12.85 21.75
C MET A 426 10.43 14.20 21.12
N GLU A 427 9.43 15.08 21.07
CA GLU A 427 9.62 16.42 20.51
C GLU A 427 10.37 17.31 21.49
N ALA A 428 11.40 18.00 20.99
CA ALA A 428 12.22 18.86 21.82
C ALA A 428 11.42 20.02 22.42
N ARG A 429 10.51 20.57 21.63
CA ARG A 429 9.66 21.67 22.07
C ARG A 429 8.73 21.23 23.20
N HIS A 430 8.31 19.97 23.16
CA HIS A 430 7.42 19.43 24.18
C HIS A 430 8.10 19.37 25.56
N LEU A 431 9.42 19.23 25.55
CA LEU A 431 10.20 19.22 26.79
C LEU A 431 10.13 20.57 27.48
N GLU A 432 10.06 21.63 26.69
CA GLU A 432 9.95 22.99 27.21
C GLU A 432 8.57 23.20 27.82
N LEU A 433 7.58 22.49 27.29
CA LEU A 433 6.20 22.63 27.75
C LEU A 433 5.78 21.44 28.61
N ALA A 434 6.77 20.78 29.21
CA ALA A 434 6.52 19.58 30.00
C ALA A 434 5.66 19.87 31.23
N VAL A 435 5.02 18.83 31.76
CA VAL A 435 4.14 18.95 32.91
C VAL A 435 4.86 19.49 34.15
N SER A 436 6.08 19.00 34.38
CA SER A 436 6.88 19.42 35.53
C SER A 436 7.19 20.91 35.49
N ARG A 437 7.50 21.41 34.31
CA ARG A 437 7.78 22.83 34.11
C ARG A 437 6.50 23.64 34.26
N GLN A 438 5.37 22.95 34.07
CA GLN A 438 4.08 23.62 33.92
C GLN A 438 3.21 23.48 35.16
N GLN A 439 3.57 22.55 36.04
CA GLN A 439 2.75 22.21 37.20
C GLN A 439 2.53 23.38 38.16
N ASP A 440 3.54 24.22 38.34
CA ASP A 440 3.44 25.31 39.31
C ASP A 440 3.55 26.70 38.67
N ASP A 441 3.44 26.75 37.35
CA ASP A 441 3.48 28.01 36.62
C ASP A 441 2.08 28.58 36.48
N PRO A 442 1.81 29.71 37.13
CA PRO A 442 0.48 30.34 37.09
C PRO A 442 0.13 30.89 35.70
N ASN A 443 1.15 31.27 34.93
CA ASN A 443 0.95 31.79 33.59
C ASN A 443 0.79 30.69 32.55
N ALA A 444 0.98 29.45 32.98
CA ALA A 444 1.00 28.32 32.05
C ALA A 444 -0.38 27.91 31.57
N THR A 445 -0.42 27.22 30.44
CA THR A 445 -1.67 26.81 29.81
C THR A 445 -2.42 25.78 30.65
N LEU A 446 -1.68 24.88 31.29
CA LEU A 446 -2.27 23.84 32.13
C LEU A 446 -3.18 24.41 33.22
N ASN A 447 -2.66 25.37 33.97
CA ASN A 447 -3.41 26.01 35.03
C ASN A 447 -4.58 26.83 34.48
N THR A 448 -4.41 27.36 33.28
CA THR A 448 -5.49 28.07 32.60
C THR A 448 -6.63 27.09 32.30
N VAL A 449 -6.27 25.87 31.90
CA VAL A 449 -7.25 24.83 31.63
C VAL A 449 -7.97 24.43 32.91
N ARG A 450 -7.21 24.19 33.96
CA ARG A 450 -7.77 23.84 35.26
C ARG A 450 -8.77 24.90 35.74
N ALA A 451 -8.34 26.16 35.67
CA ALA A 451 -9.17 27.28 36.10
C ALA A 451 -10.42 27.42 35.23
N LEU A 452 -10.26 27.22 33.93
CA LEU A 452 -11.37 27.32 32.98
C LEU A 452 -12.41 26.24 33.23
N LEU A 453 -11.96 25.04 33.54
CA LEU A 453 -12.87 23.93 33.79
C LEU A 453 -13.55 24.03 35.15
N ALA A 454 -12.82 24.55 36.14
CA ALA A 454 -13.41 24.81 37.45
C ALA A 454 -14.48 25.89 37.33
N PHE A 455 -14.16 26.95 36.59
CA PHE A 455 -15.08 28.05 36.33
C PHE A 455 -16.31 27.55 35.57
N ARG A 456 -16.08 26.67 34.61
CA ARG A 456 -17.16 26.09 33.81
C ARG A 456 -18.07 25.23 34.69
N ARG A 457 -17.46 24.54 35.65
CA ARG A 457 -18.20 23.66 36.55
C ARG A 457 -19.09 24.47 37.51
N SER A 458 -18.72 25.72 37.76
CA SER A 458 -19.42 26.56 38.72
C SER A 458 -20.59 27.32 38.10
N HIS A 459 -20.76 27.17 36.79
CA HIS A 459 -21.85 27.85 36.09
C HIS A 459 -22.68 26.88 35.25
N PRO A 460 -23.92 26.62 35.68
CA PRO A 460 -24.86 25.72 35.01
C PRO A 460 -25.09 26.10 33.55
N ALA A 461 -25.11 27.40 33.27
CA ALA A 461 -25.31 27.89 31.91
C ALA A 461 -24.20 27.42 30.97
N LEU A 462 -23.02 27.18 31.55
CA LEU A 462 -21.88 26.72 30.76
C LEU A 462 -21.83 25.19 30.69
N PHE A 463 -22.83 24.53 31.27
CA PHE A 463 -22.89 23.08 31.20
C PHE A 463 -23.78 22.61 30.04
N ASP A 464 -25.02 23.08 30.03
CA ASP A 464 -25.96 22.71 28.97
C ASP A 464 -26.99 23.80 28.68
N GLY A 465 -26.60 25.05 28.90
CA GLY A 465 -27.50 26.17 28.65
C GLY A 465 -27.65 26.48 27.17
N ASP A 466 -28.71 27.20 26.84
CA ASP A 466 -28.95 27.64 25.47
C ASP A 466 -27.86 28.59 25.00
N LEU A 467 -27.56 28.55 23.71
CA LEU A 467 -26.58 29.45 23.12
C LEU A 467 -27.26 30.39 22.13
N SER A 468 -27.04 31.68 22.29
CA SER A 468 -27.62 32.68 21.39
C SER A 468 -26.55 33.66 20.91
N LEU A 469 -26.24 33.59 19.61
CA LEU A 469 -25.24 34.46 19.03
C LEU A 469 -25.65 35.93 19.10
N VAL A 470 -24.69 36.80 19.41
CA VAL A 470 -24.94 38.24 19.46
C VAL A 470 -23.97 38.97 18.54
N ASP A 471 -24.38 40.14 18.07
CA ASP A 471 -23.53 40.94 17.18
C ASP A 471 -22.42 41.62 17.98
N VAL A 472 -21.20 41.09 17.82
CA VAL A 472 -20.06 41.60 18.56
C VAL A 472 -18.98 42.04 17.57
N GLY A 473 -19.30 41.94 16.29
CA GLY A 473 -18.40 42.35 15.24
C GLY A 473 -17.78 41.19 14.49
N ASP A 474 -17.03 41.48 13.43
CA ASP A 474 -16.40 40.45 12.62
C ASP A 474 -15.27 39.74 13.35
N ASP A 475 -14.42 40.51 14.01
CA ASP A 475 -13.20 39.97 14.62
C ASP A 475 -13.37 39.58 16.08
N LEU A 476 -14.60 39.26 16.47
CA LEU A 476 -14.88 38.78 17.83
C LEU A 476 -15.95 37.70 17.79
N LEU A 477 -15.91 36.80 18.78
CA LEU A 477 -16.92 35.75 18.87
C LEU A 477 -17.75 35.91 20.14
N GLY A 478 -18.99 36.37 19.99
CA GLY A 478 -19.83 36.64 21.14
C GLY A 478 -21.16 35.89 21.12
N PHE A 479 -21.53 35.35 22.28
CA PHE A 479 -22.82 34.70 22.43
C PHE A 479 -23.24 34.63 23.90
N THR A 480 -24.52 34.39 24.14
CA THR A 480 -25.03 34.24 25.49
C THR A 480 -25.39 32.78 25.80
N ARG A 481 -25.03 32.35 27.00
CA ARG A 481 -25.39 31.02 27.49
C ARG A 481 -26.41 31.16 28.61
N GLN A 482 -27.59 30.55 28.44
CA GLN A 482 -28.64 30.70 29.44
C GLN A 482 -29.24 29.40 29.95
N LYS A 483 -29.22 29.22 31.26
CA LYS A 483 -29.90 28.09 31.90
C LYS A 483 -30.66 28.54 33.14
N GLY A 484 -31.97 28.70 33.00
CA GLY A 484 -32.84 29.06 34.10
C GLY A 484 -32.50 30.39 34.76
N ASP A 485 -31.83 30.32 35.90
CA ASP A 485 -31.50 31.49 36.68
C ASP A 485 -30.36 32.31 36.07
N GLU A 486 -29.47 31.65 35.36
CA GLU A 486 -28.24 32.28 34.90
C GLU A 486 -28.22 32.60 33.41
N THR A 487 -27.72 33.79 33.08
CA THR A 487 -27.52 34.20 31.69
C THR A 487 -26.17 34.89 31.56
N LEU A 488 -25.23 34.25 30.87
CA LEU A 488 -23.87 34.74 30.76
C LEU A 488 -23.54 35.25 29.37
N LEU A 489 -22.95 36.44 29.30
CA LEU A 489 -22.44 36.98 28.05
C LEU A 489 -20.97 36.60 27.89
N CYS A 490 -20.68 35.87 26.81
CA CYS A 490 -19.33 35.39 26.53
C CYS A 490 -18.78 36.03 25.26
N VAL A 491 -17.67 36.73 25.39
CA VAL A 491 -17.02 37.37 24.24
C VAL A 491 -15.57 36.90 24.14
N PHE A 492 -15.14 36.57 22.92
CA PHE A 492 -13.81 36.02 22.71
C PHE A 492 -13.04 36.73 21.59
N ASN A 493 -11.79 37.06 21.88
CA ASN A 493 -10.89 37.65 20.90
C ASN A 493 -9.84 36.63 20.47
N LEU A 494 -10.00 36.10 19.26
CA LEU A 494 -9.12 35.05 18.76
C LEU A 494 -7.97 35.61 17.93
N THR A 495 -7.93 36.94 17.80
CA THR A 495 -6.91 37.59 16.99
C THR A 495 -5.74 38.10 17.82
N GLY A 496 -4.68 38.53 17.14
CA GLY A 496 -3.50 39.06 17.80
C GLY A 496 -3.56 40.58 17.93
N GLN A 497 -4.76 41.13 17.75
CA GLN A 497 -4.96 42.57 17.87
C GLN A 497 -6.00 42.90 18.92
N GLU A 498 -5.95 44.12 19.43
CA GLU A 498 -6.95 44.60 20.36
C GLU A 498 -8.26 44.86 19.61
N GLN A 499 -9.35 44.30 20.11
CA GLN A 499 -10.65 44.48 19.49
C GLN A 499 -11.59 45.24 20.41
N GLN A 500 -12.58 45.90 19.83
CA GLN A 500 -13.50 46.73 20.60
C GLN A 500 -14.93 46.57 20.06
N THR A 501 -15.91 46.59 20.97
CA THR A 501 -17.29 46.41 20.56
C THR A 501 -18.28 47.10 21.49
N THR A 502 -19.48 47.35 20.99
CA THR A 502 -20.56 47.86 21.83
C THR A 502 -21.40 46.68 22.31
N LEU A 503 -21.64 46.62 23.62
CA LEU A 503 -22.39 45.52 24.21
C LEU A 503 -23.82 45.44 23.69
N PRO A 504 -24.17 44.32 23.05
CA PRO A 504 -25.52 44.09 22.52
C PRO A 504 -26.54 43.88 23.62
N VAL A 505 -26.06 43.57 24.82
CA VAL A 505 -26.92 43.42 25.99
C VAL A 505 -26.34 44.19 27.17
N GLU A 506 -27.16 44.43 28.19
CA GLU A 506 -26.70 45.14 29.38
C GLU A 506 -26.07 44.18 30.38
N VAL A 507 -24.96 44.59 30.99
CA VAL A 507 -24.18 43.73 31.86
C VAL A 507 -24.31 44.13 33.34
N ALA A 508 -24.59 43.14 34.19
CA ALA A 508 -24.71 43.38 35.63
C ALA A 508 -23.34 43.38 36.32
N SER A 509 -22.51 42.40 35.97
CA SER A 509 -21.20 42.28 36.61
C SER A 509 -20.19 41.51 35.73
N ASP A 510 -18.93 41.55 36.14
CA ASP A 510 -17.87 40.82 35.45
C ASP A 510 -17.59 39.49 36.15
N LEU A 511 -17.27 38.48 35.35
CA LEU A 511 -16.92 37.17 35.90
C LEU A 511 -15.47 36.82 35.54
N PRO A 512 -14.55 37.03 36.49
CA PRO A 512 -13.11 36.81 36.28
C PRO A 512 -12.74 35.35 36.19
N VAL A 513 -11.77 35.02 35.34
CA VAL A 513 -11.31 33.65 35.19
C VAL A 513 -9.93 33.55 34.52
N ALA A 514 -9.00 32.89 35.20
CA ALA A 514 -7.70 32.53 34.63
C ALA A 514 -6.94 33.67 33.96
N HIS A 515 -6.69 34.74 34.71
CA HIS A 515 -5.85 35.85 34.24
C HIS A 515 -6.28 36.51 32.93
N PHE A 516 -7.50 36.21 32.47
CA PHE A 516 -8.04 36.89 31.29
C PHE A 516 -8.40 38.32 31.66
N THR A 517 -8.07 39.26 30.78
CA THR A 517 -8.32 40.67 31.07
C THR A 517 -9.05 41.39 29.94
N ALA A 518 -10.12 42.09 30.31
CA ALA A 518 -10.88 42.92 29.37
C ALA A 518 -11.44 44.12 30.11
N THR A 519 -11.59 45.23 29.41
CA THR A 519 -12.05 46.47 30.04
C THR A 519 -13.47 46.85 29.60
N ARG A 520 -14.38 46.96 30.56
CA ARG A 520 -15.74 47.37 30.26
C ARG A 520 -16.00 48.79 30.76
N ASP A 521 -16.03 49.74 29.83
CA ASP A 521 -16.28 51.13 30.15
C ASP A 521 -17.55 51.63 29.45
N GLY A 522 -18.56 51.97 30.23
CA GLY A 522 -19.83 52.41 29.68
C GLY A 522 -20.51 51.29 28.90
N SER A 523 -20.75 51.54 27.62
CA SER A 523 -21.34 50.52 26.75
C SER A 523 -20.27 49.91 25.86
N THR A 524 -19.02 50.24 26.14
CA THR A 524 -17.91 49.79 25.30
C THR A 524 -17.07 48.71 26.00
N LEU A 525 -16.96 47.55 25.33
CA LEU A 525 -16.11 46.47 25.81
C LEU A 525 -14.86 46.35 24.95
N THR A 526 -13.70 46.38 25.59
CA THR A 526 -12.43 46.30 24.90
C THR A 526 -11.66 45.06 25.34
N LEU A 527 -11.26 44.24 24.37
CA LEU A 527 -10.51 43.04 24.65
C LEU A 527 -9.15 43.06 23.96
N PRO A 528 -8.06 43.03 24.76
CA PRO A 528 -6.71 42.89 24.20
C PRO A 528 -6.54 41.57 23.46
N ALA A 529 -5.39 41.39 22.82
CA ALA A 529 -5.13 40.21 22.02
C ALA A 529 -5.29 38.90 22.81
N TYR A 530 -6.02 37.96 22.23
CA TYR A 530 -6.22 36.64 22.80
C TYR A 530 -6.84 36.66 24.20
N GLN A 531 -7.79 37.57 24.42
CA GLN A 531 -8.45 37.70 25.70
C GLN A 531 -9.91 37.27 25.63
N ALA A 532 -10.45 36.86 26.78
CA ALA A 532 -11.84 36.45 26.86
C ALA A 532 -12.57 37.21 27.97
N ALA A 533 -13.86 37.46 27.76
CA ALA A 533 -14.66 38.21 28.72
C ALA A 533 -15.97 37.50 29.02
N PHE A 534 -16.16 37.15 30.29
CA PHE A 534 -17.41 36.59 30.75
C PHE A 534 -18.13 37.61 31.62
N MET A 535 -19.43 37.78 31.40
CA MET A 535 -20.20 38.77 32.14
C MET A 535 -21.56 38.21 32.53
N GLN A 536 -22.16 38.80 33.57
CA GLN A 536 -23.49 38.39 33.99
C GLN A 536 -24.54 39.34 33.43
N VAL A 537 -25.42 38.82 32.59
CA VAL A 537 -26.43 39.63 31.93
C VAL A 537 -27.55 40.03 32.90
N ALA A 538 -27.97 41.28 32.81
CA ALA A 538 -29.05 41.78 33.67
C ALA A 538 -30.40 41.16 33.32
N ASN B 4 33.82 -14.90 -35.44
CA ASN B 4 32.59 -15.67 -35.48
C ASN B 4 31.39 -14.86 -34.99
N MET B 5 30.79 -14.11 -35.91
CA MET B 5 29.72 -13.19 -35.57
C MET B 5 28.37 -13.88 -35.32
N MET B 6 28.27 -15.13 -35.77
CA MET B 6 27.01 -15.86 -35.64
C MET B 6 27.08 -16.92 -34.53
N TRP B 7 27.84 -16.62 -33.49
CA TRP B 7 27.99 -17.53 -32.36
C TRP B 7 26.68 -17.69 -31.59
N TRP B 8 25.88 -16.63 -31.57
CA TRP B 8 24.65 -16.60 -30.79
C TRP B 8 23.55 -17.45 -31.40
N ARG B 9 23.61 -17.66 -32.71
CA ARG B 9 22.58 -18.42 -33.41
C ARG B 9 22.86 -19.92 -33.34
N GLY B 10 22.66 -20.49 -32.16
CA GLY B 10 22.88 -21.91 -31.95
C GLY B 10 23.86 -22.19 -30.82
N GLY B 11 24.50 -21.15 -30.31
CA GLY B 11 25.50 -21.29 -29.26
C GLY B 11 24.90 -21.60 -27.90
N VAL B 12 25.73 -22.13 -27.01
CA VAL B 12 25.30 -22.49 -25.66
C VAL B 12 25.84 -21.50 -24.63
N ILE B 13 24.92 -20.86 -23.90
CA ILE B 13 25.26 -19.86 -22.90
C ILE B 13 25.05 -20.42 -21.50
N TYR B 14 26.06 -20.31 -20.65
CA TYR B 14 25.98 -20.86 -19.30
C TYR B 14 25.49 -19.81 -18.31
N GLN B 15 24.32 -20.07 -17.70
CA GLN B 15 23.74 -19.17 -16.72
C GLN B 15 24.52 -19.20 -15.42
N ILE B 16 24.96 -18.04 -14.96
CA ILE B 16 25.74 -17.95 -13.73
C ILE B 16 24.99 -17.28 -12.60
N TYR B 17 24.51 -18.10 -11.66
CA TYR B 17 23.91 -17.63 -10.42
C TYR B 17 24.92 -17.90 -9.32
N PRO B 18 24.70 -17.34 -8.12
CA PRO B 18 25.54 -17.76 -6.99
C PRO B 18 25.25 -19.21 -6.60
N ARG B 19 24.10 -19.71 -7.05
CA ARG B 19 23.68 -21.07 -6.75
C ARG B 19 24.17 -22.03 -7.84
N SER B 20 24.92 -21.50 -8.80
CA SER B 20 25.38 -22.30 -9.94
C SER B 20 26.72 -22.97 -9.68
N PHE B 21 27.10 -23.89 -10.56
CA PHE B 21 28.37 -24.59 -10.46
C PHE B 21 29.45 -23.83 -11.21
N LEU B 22 30.55 -23.55 -10.53
CA LEU B 22 31.65 -22.80 -11.13
C LEU B 22 33.00 -23.40 -10.74
N GLY B 30 30.53 -16.46 -5.11
CA GLY B 30 29.25 -15.79 -5.02
C GLY B 30 29.34 -14.31 -5.34
N ASP B 31 30.34 -13.94 -6.12
CA ASP B 31 30.52 -12.54 -6.54
C ASP B 31 31.28 -12.47 -7.86
N LEU B 32 31.46 -11.25 -8.37
CA LEU B 32 32.11 -11.05 -9.67
C LEU B 32 33.51 -11.65 -9.76
N ASN B 33 34.35 -11.34 -8.78
CA ASN B 33 35.73 -11.84 -8.76
C ASN B 33 35.80 -13.36 -8.70
N GLY B 34 34.84 -13.98 -8.03
CA GLY B 34 34.77 -15.43 -7.96
C GLY B 34 34.47 -16.05 -9.31
N ILE B 35 33.46 -15.50 -9.98
CA ILE B 35 33.14 -15.89 -11.35
C ILE B 35 34.38 -15.77 -12.21
N THR B 36 35.04 -14.63 -12.10
CA THR B 36 36.30 -14.38 -12.80
C THR B 36 37.32 -15.47 -12.51
N GLU B 37 37.34 -15.96 -11.28
CA GLU B 37 38.28 -17.02 -10.91
C GLU B 37 37.87 -18.39 -11.49
N LYS B 38 36.58 -18.57 -11.75
CA LYS B 38 36.08 -19.86 -12.23
C LYS B 38 35.84 -19.92 -13.74
N LEU B 39 36.12 -18.82 -14.42
CA LEU B 39 35.92 -18.73 -15.87
C LEU B 39 36.65 -19.80 -16.68
N ASP B 40 37.79 -20.28 -16.19
CA ASP B 40 38.54 -21.31 -16.90
C ASP B 40 37.77 -22.63 -16.90
N TYR B 41 37.22 -22.97 -15.74
CA TYR B 41 36.36 -24.13 -15.61
C TYR B 41 35.16 -23.98 -16.54
N VAL B 42 34.54 -22.81 -16.48
CA VAL B 42 33.40 -22.51 -17.34
C VAL B 42 33.73 -22.75 -18.82
N ALA B 43 34.90 -22.29 -19.25
CA ALA B 43 35.33 -22.46 -20.63
C ALA B 43 35.61 -23.93 -20.94
N SER B 44 36.09 -24.67 -19.94
CA SER B 44 36.38 -26.09 -20.11
C SER B 44 35.08 -26.88 -20.21
N LEU B 45 33.97 -26.28 -19.81
CA LEU B 45 32.66 -26.91 -20.00
C LEU B 45 32.24 -26.95 -21.48
N ASN B 46 33.05 -26.36 -22.34
CA ASN B 46 32.78 -26.28 -23.78
C ASN B 46 31.53 -25.46 -24.13
N VAL B 47 31.22 -24.46 -23.31
CA VAL B 47 30.12 -23.56 -23.59
C VAL B 47 30.62 -22.40 -24.46
N ASP B 48 29.69 -21.68 -25.08
CA ASP B 48 30.07 -20.58 -25.98
C ASP B 48 30.10 -19.23 -25.27
N GLY B 49 29.30 -19.09 -24.21
CA GLY B 49 29.24 -17.84 -23.48
C GLY B 49 28.60 -17.97 -22.11
N ILE B 50 28.52 -16.86 -21.39
CA ILE B 50 27.92 -16.85 -20.07
C ILE B 50 26.90 -15.71 -19.92
N TRP B 51 25.94 -15.92 -19.02
CA TRP B 51 24.99 -14.86 -18.68
C TRP B 51 25.05 -14.56 -17.19
N LEU B 52 25.29 -13.30 -16.86
CA LEU B 52 25.42 -12.87 -15.47
C LEU B 52 24.04 -12.55 -14.88
N SER B 53 23.66 -13.32 -13.86
CA SER B 53 22.36 -13.17 -13.22
C SER B 53 22.22 -11.82 -12.53
N PRO B 54 20.97 -11.36 -12.31
CA PRO B 54 20.72 -10.10 -11.61
C PRO B 54 21.01 -10.16 -10.11
N PHE B 55 22.06 -10.88 -9.73
CA PHE B 55 22.58 -10.84 -8.37
C PHE B 55 23.94 -10.18 -8.41
N PHE B 56 24.80 -10.66 -9.31
CA PHE B 56 26.11 -10.07 -9.53
C PHE B 56 25.94 -8.73 -10.22
N THR B 57 24.88 -8.61 -11.01
CA THR B 57 24.46 -7.34 -11.57
C THR B 57 23.29 -6.85 -10.72
N SER B 58 23.08 -5.53 -10.72
CA SER B 58 22.13 -4.78 -9.88
C SER B 58 22.77 -4.09 -8.65
N PRO B 59 23.92 -4.58 -8.19
CA PRO B 59 24.80 -3.59 -7.56
C PRO B 59 25.12 -2.58 -8.66
N MET B 60 24.48 -1.42 -8.59
CA MET B 60 24.15 -0.68 -9.79
C MET B 60 24.45 0.81 -9.75
N LEU B 61 23.94 1.49 -10.77
CA LEU B 61 23.67 2.92 -10.75
C LEU B 61 22.47 3.12 -11.68
N ASP B 62 22.66 2.65 -12.92
CA ASP B 62 21.68 2.53 -14.03
C ASP B 62 22.30 2.97 -15.35
N PHE B 63 23.63 3.14 -15.31
CA PHE B 63 24.46 3.11 -16.51
C PHE B 63 24.16 4.25 -17.48
N THR B 79 31.36 -4.06 -8.42
CA THR B 79 31.69 -2.76 -8.99
C THR B 79 32.03 -2.87 -10.48
N LEU B 80 32.23 -1.73 -11.13
CA LEU B 80 32.44 -1.68 -12.57
C LEU B 80 33.78 -2.28 -13.00
N GLU B 81 34.83 -2.00 -12.24
CA GLU B 81 36.17 -2.48 -12.55
C GLU B 81 36.26 -4.02 -12.48
N ASP B 82 35.59 -4.61 -11.50
CA ASP B 82 35.50 -6.05 -11.40
C ASP B 82 34.83 -6.63 -12.64
N PHE B 83 33.80 -5.94 -13.11
CA PHE B 83 33.08 -6.35 -14.31
C PHE B 83 33.99 -6.28 -15.54
N LYS B 84 34.80 -5.23 -15.59
CA LYS B 84 35.77 -5.08 -16.68
C LYS B 84 36.78 -6.22 -16.68
N ALA B 85 37.24 -6.59 -15.49
CA ALA B 85 38.16 -7.72 -15.33
C ALA B 85 37.52 -9.02 -15.81
N LEU B 86 36.27 -9.23 -15.40
CA LEU B 86 35.52 -10.41 -15.78
C LEU B 86 35.40 -10.50 -17.30
N LEU B 87 34.98 -9.40 -17.92
CA LEU B 87 34.89 -9.32 -19.38
C LEU B 87 36.22 -9.66 -20.02
N GLU B 88 37.29 -9.10 -19.47
CA GLU B 88 38.63 -9.29 -19.99
C GLU B 88 39.04 -10.77 -20.01
N LYS B 89 38.93 -11.43 -18.86
CA LYS B 89 39.33 -12.83 -18.76
C LYS B 89 38.42 -13.75 -19.59
N ALA B 90 37.12 -13.51 -19.51
CA ALA B 90 36.14 -14.28 -20.28
C ALA B 90 36.44 -14.19 -21.78
N HIS B 91 36.80 -13.00 -22.23
CA HIS B 91 37.17 -12.81 -23.63
C HIS B 91 38.51 -13.48 -23.93
N SER B 92 39.40 -13.51 -22.95
CA SER B 92 40.68 -14.18 -23.11
C SER B 92 40.47 -15.69 -23.30
N LEU B 93 39.38 -16.21 -22.75
CA LEU B 93 39.06 -17.62 -22.89
C LEU B 93 38.14 -17.90 -24.08
N GLY B 94 37.74 -16.85 -24.78
CA GLY B 94 36.89 -16.98 -25.94
C GLY B 94 35.42 -17.10 -25.58
N LEU B 95 35.07 -16.71 -24.36
CA LEU B 95 33.70 -16.75 -23.90
C LEU B 95 33.00 -15.40 -24.10
N LYS B 96 31.74 -15.45 -24.51
CA LYS B 96 30.94 -14.25 -24.65
C LYS B 96 30.23 -13.95 -23.33
N VAL B 97 29.98 -12.69 -23.05
CA VAL B 97 29.33 -12.32 -21.79
C VAL B 97 28.03 -11.55 -22.03
N MET B 98 26.93 -12.10 -21.54
CA MET B 98 25.63 -11.45 -21.66
C MET B 98 25.10 -11.02 -20.29
N ILE B 99 24.46 -9.86 -20.25
CA ILE B 99 23.86 -9.37 -19.01
C ILE B 99 22.42 -8.95 -19.26
N ASP B 100 21.69 -8.71 -18.17
CA ASP B 100 20.29 -8.29 -18.27
C ASP B 100 20.16 -6.82 -18.65
N GLN B 101 19.07 -6.49 -19.33
CA GLN B 101 18.75 -5.10 -19.64
C GLN B 101 17.27 -4.85 -19.41
N VAL B 102 16.94 -4.21 -18.30
CA VAL B 102 15.57 -3.89 -17.97
C VAL B 102 15.29 -2.43 -18.32
N ILE B 103 14.61 -2.22 -19.44
CA ILE B 103 14.38 -0.87 -19.94
C ILE B 103 12.90 -0.49 -19.99
N SER B 104 12.03 -1.45 -19.74
CA SER B 104 10.59 -1.19 -19.74
C SER B 104 10.19 -0.32 -18.57
N HIS B 105 11.00 -0.34 -17.50
CA HIS B 105 10.72 0.43 -16.31
C HIS B 105 12.00 0.71 -15.53
N THR B 106 11.89 1.57 -14.53
CA THR B 106 12.98 1.83 -13.60
C THR B 106 12.46 1.68 -12.18
N SER B 107 13.34 1.75 -11.20
CA SER B 107 12.93 1.78 -9.81
C SER B 107 12.34 3.15 -9.53
N ASP B 108 11.49 3.25 -8.50
CA ASP B 108 10.95 4.54 -8.11
C ASP B 108 11.99 5.36 -7.35
N GLN B 109 13.13 4.74 -7.07
CA GLN B 109 14.24 5.40 -6.41
C GLN B 109 15.23 5.94 -7.45
N HIS B 110 15.02 5.57 -8.71
CA HIS B 110 15.86 6.03 -9.81
C HIS B 110 15.74 7.55 -9.96
N PRO B 111 16.89 8.23 -10.16
CA PRO B 111 16.96 9.68 -10.34
C PRO B 111 15.99 10.22 -11.39
N TRP B 112 15.80 9.48 -12.48
CA TRP B 112 14.88 9.87 -13.54
C TRP B 112 13.47 10.05 -13.01
N PHE B 113 12.98 9.06 -12.26
CA PHE B 113 11.64 9.11 -11.72
C PHE B 113 11.54 10.09 -10.55
N GLN B 114 12.62 10.20 -9.79
CA GLN B 114 12.68 11.16 -8.69
C GLN B 114 12.56 12.59 -9.19
N GLU B 115 13.11 12.84 -10.37
CA GLU B 115 13.01 14.15 -11.00
C GLU B 115 11.66 14.32 -11.68
N SER B 116 11.18 13.26 -12.30
CA SER B 116 9.93 13.28 -13.06
C SER B 116 8.70 13.54 -12.20
N ARG B 117 8.73 13.03 -10.97
CA ARG B 117 7.55 13.02 -10.12
C ARG B 117 7.29 14.33 -9.40
N GLN B 118 8.26 15.25 -9.43
CA GLN B 118 8.14 16.50 -8.67
C GLN B 118 7.06 17.43 -9.22
N ASN B 119 6.98 17.55 -10.55
CA ASN B 119 5.97 18.37 -11.19
C ASN B 119 5.72 17.96 -12.64
N ARG B 120 4.99 18.80 -13.37
CA ARG B 120 4.63 18.49 -14.75
C ARG B 120 5.48 19.25 -15.76
N THR B 121 6.43 20.04 -15.27
CA THR B 121 7.19 20.92 -16.16
C THR B 121 8.69 20.60 -16.18
N ASN B 122 9.14 19.74 -15.27
CA ASN B 122 10.54 19.36 -15.21
C ASN B 122 10.97 18.61 -16.47
N PRO B 123 12.26 18.69 -16.83
CA PRO B 123 12.80 18.10 -18.07
C PRO B 123 12.45 16.62 -18.28
N LYS B 124 12.12 15.90 -17.21
CA LYS B 124 11.81 14.48 -17.34
C LYS B 124 10.36 14.15 -16.99
N ALA B 125 9.50 15.16 -17.01
CA ALA B 125 8.10 14.99 -16.66
C ALA B 125 7.37 14.00 -17.56
N ASP B 126 7.84 13.87 -18.80
CA ASP B 126 7.21 12.99 -19.77
C ASP B 126 7.97 11.69 -20.00
N TRP B 127 9.00 11.46 -19.20
CA TRP B 127 9.80 10.25 -19.34
C TRP B 127 9.09 9.04 -18.77
N PHE B 128 8.06 9.29 -17.97
CA PHE B 128 7.24 8.21 -17.41
C PHE B 128 5.76 8.45 -17.76
N VAL B 129 4.95 7.41 -17.58
CA VAL B 129 3.55 7.48 -17.99
C VAL B 129 2.66 8.10 -16.92
N TRP B 130 2.44 9.41 -17.02
CA TRP B 130 1.59 10.12 -16.09
C TRP B 130 0.22 10.42 -16.70
N ALA B 131 -0.82 10.33 -15.88
CA ALA B 131 -2.17 10.61 -16.35
C ALA B 131 -3.06 11.12 -15.23
N ASP B 132 -3.94 12.06 -15.55
CA ASP B 132 -4.88 12.61 -14.59
C ASP B 132 -5.84 11.52 -14.12
N PRO B 133 -6.31 11.63 -12.87
CA PRO B 133 -7.35 10.72 -12.38
C PRO B 133 -8.67 10.98 -13.07
N LYS B 134 -9.59 10.03 -13.02
CA LYS B 134 -10.95 10.25 -13.47
C LYS B 134 -11.60 11.30 -12.55
N PRO B 135 -12.74 11.89 -12.99
CA PRO B 135 -13.38 12.93 -12.17
C PRO B 135 -13.72 12.47 -10.76
N ASP B 136 -13.82 11.15 -10.55
CA ASP B 136 -14.11 10.62 -9.22
C ASP B 136 -12.85 10.31 -8.43
N GLY B 137 -11.69 10.43 -9.08
CA GLY B 137 -10.42 10.20 -8.41
C GLY B 137 -9.82 8.84 -8.67
N THR B 138 -10.56 7.99 -9.39
CA THR B 138 -10.10 6.65 -9.70
C THR B 138 -9.05 6.68 -10.81
N PRO B 139 -8.27 5.59 -10.96
CA PRO B 139 -7.29 5.48 -12.06
C PRO B 139 -7.89 5.81 -13.43
N PRO B 140 -7.05 6.26 -14.37
CA PRO B 140 -7.52 6.68 -15.70
C PRO B 140 -8.19 5.57 -16.51
N ASN B 141 -7.83 4.31 -16.24
CA ASN B 141 -8.48 3.19 -16.93
C ASN B 141 -8.50 1.89 -16.12
N ASN B 142 -8.83 0.79 -16.79
CA ASN B 142 -9.03 -0.49 -16.12
C ASN B 142 -7.82 -1.41 -16.18
N TRP B 143 -6.67 -0.86 -16.58
CA TRP B 143 -5.45 -1.65 -16.70
C TRP B 143 -5.02 -2.21 -15.36
N LEU B 144 -4.77 -3.52 -15.33
CA LEU B 144 -4.38 -4.19 -14.09
C LEU B 144 -2.91 -4.60 -14.12
N SER B 145 -2.23 -4.41 -13.00
CA SER B 145 -0.85 -4.85 -12.85
C SER B 145 -0.81 -6.37 -12.89
N ILE B 146 0.33 -6.92 -13.29
CA ILE B 146 0.50 -8.37 -13.36
C ILE B 146 0.46 -8.99 -11.97
N PHE B 147 0.69 -8.18 -10.95
CA PHE B 147 0.72 -8.68 -9.58
C PHE B 147 -0.61 -8.52 -8.84
N GLY B 148 -1.68 -8.27 -9.58
CA GLY B 148 -3.01 -8.23 -8.98
C GLY B 148 -3.79 -6.94 -9.13
N GLY B 149 -3.40 -5.92 -8.37
CA GLY B 149 -4.14 -4.67 -8.32
C GLY B 149 -4.01 -3.82 -9.57
N SER B 150 -4.33 -2.54 -9.42
CA SER B 150 -4.31 -1.61 -10.54
C SER B 150 -2.89 -1.39 -11.06
N ALA B 151 -2.79 -1.07 -12.35
CA ALA B 151 -1.50 -0.79 -12.96
C ALA B 151 -1.15 0.68 -12.77
N TRP B 152 -2.04 1.42 -12.10
CA TRP B 152 -1.84 2.84 -11.85
C TRP B 152 -1.65 3.11 -10.37
N THR B 153 -0.74 4.02 -10.05
CA THR B 153 -0.51 4.42 -8.66
C THR B 153 -0.51 5.94 -8.53
N PHE B 154 -1.34 6.45 -7.64
CA PHE B 154 -1.46 7.89 -7.45
C PHE B 154 -0.23 8.47 -6.74
N ASP B 155 0.22 9.62 -7.21
CA ASP B 155 1.35 10.31 -6.60
C ASP B 155 0.94 11.73 -6.20
N SER B 156 1.03 12.03 -4.91
CA SER B 156 0.51 13.27 -4.34
C SER B 156 1.16 14.53 -4.91
N ARG B 157 2.41 14.41 -5.37
CA ARG B 157 3.17 15.55 -5.88
C ARG B 157 2.51 16.18 -7.10
N ARG B 158 2.24 15.35 -8.11
CA ARG B 158 1.68 15.84 -9.37
C ARG B 158 0.16 15.68 -9.42
N GLN B 159 -0.40 15.07 -8.39
CA GLN B 159 -1.83 14.74 -8.35
C GLN B 159 -2.23 13.92 -9.57
N GLN B 160 -1.36 13.00 -9.96
CA GLN B 160 -1.59 12.15 -11.12
C GLN B 160 -1.22 10.71 -10.83
N TYR B 161 -1.80 9.78 -11.59
CA TYR B 161 -1.42 8.38 -11.53
C TYR B 161 -0.26 8.11 -12.46
N TYR B 162 0.68 7.28 -12.02
CA TYR B 162 1.72 6.78 -12.91
C TYR B 162 1.50 5.29 -13.20
N LEU B 163 1.90 4.87 -14.40
CA LEU B 163 1.64 3.51 -14.86
C LEU B 163 2.74 2.53 -14.47
N HIS B 164 2.36 1.32 -14.08
CA HIS B 164 3.30 0.25 -13.82
C HIS B 164 2.68 -1.11 -14.13
N ASN B 165 3.18 -1.75 -15.18
CA ASN B 165 2.71 -3.07 -15.57
C ASN B 165 3.02 -4.12 -14.51
N PHE B 166 4.02 -3.83 -13.68
CA PHE B 166 4.45 -4.75 -12.64
C PHE B 166 4.28 -4.14 -11.25
N LEU B 167 5.36 -4.12 -10.48
CA LEU B 167 5.32 -3.60 -9.11
C LEU B 167 5.04 -2.10 -9.05
N THR B 168 4.47 -1.65 -7.94
CA THR B 168 4.20 -0.23 -7.74
C THR B 168 5.51 0.55 -7.64
N SER B 169 6.57 -0.12 -7.20
CA SER B 169 7.88 0.51 -7.06
C SER B 169 8.67 0.43 -8.35
N GLN B 170 7.98 0.09 -9.44
CA GLN B 170 8.62 0.01 -10.75
C GLN B 170 7.84 0.82 -11.78
N PRO B 171 7.96 2.16 -11.72
CA PRO B 171 7.27 3.04 -12.68
C PRO B 171 7.75 2.81 -14.10
N ASP B 172 6.81 2.76 -15.04
CA ASP B 172 7.11 2.44 -16.43
C ASP B 172 7.63 3.64 -17.21
N VAL B 173 8.61 3.39 -18.08
CA VAL B 173 9.16 4.41 -18.95
C VAL B 173 8.22 4.72 -20.10
N ASN B 174 7.98 6.00 -20.35
CA ASN B 174 7.13 6.42 -21.47
C ASN B 174 7.86 6.29 -22.81
N PHE B 175 7.60 5.19 -23.50
CA PHE B 175 8.26 4.92 -24.77
C PHE B 175 7.72 5.77 -25.92
N HIS B 176 6.63 6.49 -25.67
CA HIS B 176 6.11 7.42 -26.67
C HIS B 176 6.86 8.74 -26.62
N HIS B 177 7.76 8.88 -25.65
CA HIS B 177 8.64 10.02 -25.56
C HIS B 177 10.01 9.63 -26.11
N PRO B 178 10.37 10.17 -27.29
CA PRO B 178 11.57 9.81 -28.04
C PRO B 178 12.86 9.89 -27.21
N GLU B 179 12.99 10.94 -26.42
CA GLU B 179 14.21 11.17 -25.65
C GLU B 179 14.44 10.09 -24.59
N ALA B 180 13.36 9.48 -24.11
CA ALA B 180 13.45 8.39 -23.15
C ALA B 180 13.98 7.12 -23.83
N ARG B 181 13.40 6.80 -24.98
CA ARG B 181 13.85 5.68 -25.79
C ARG B 181 15.34 5.83 -26.10
N GLN B 182 15.72 7.03 -26.52
CA GLN B 182 17.10 7.32 -26.85
C GLN B 182 17.99 7.21 -25.62
N ALA B 183 17.46 7.57 -24.45
CA ALA B 183 18.18 7.45 -23.20
C ALA B 183 18.51 5.98 -22.90
N GLN B 184 17.50 5.13 -23.06
CA GLN B 184 17.70 3.69 -22.84
C GLN B 184 18.69 3.11 -23.84
N LEU B 185 18.54 3.49 -25.10
CA LEU B 185 19.46 3.05 -26.16
C LEU B 185 20.90 3.46 -25.85
N ASP B 186 21.07 4.65 -25.30
CA ASP B 186 22.39 5.13 -24.90
C ASP B 186 22.92 4.30 -23.73
N ASN B 187 22.04 4.00 -22.78
CA ASN B 187 22.41 3.15 -21.66
C ASN B 187 22.90 1.78 -22.10
N MET B 188 22.31 1.26 -23.17
CA MET B 188 22.76 0.00 -23.75
C MET B 188 24.08 0.17 -24.50
N ARG B 189 24.20 1.30 -25.21
CA ARG B 189 25.42 1.61 -25.96
C ARG B 189 26.63 1.72 -25.03
N PHE B 190 26.39 2.13 -23.80
CA PHE B 190 27.43 2.16 -22.78
C PHE B 190 28.06 0.79 -22.60
N TRP B 191 27.20 -0.21 -22.36
CA TRP B 191 27.64 -1.58 -22.19
C TRP B 191 28.29 -2.12 -23.46
N LEU B 192 27.72 -1.77 -24.61
CA LEU B 192 28.28 -2.20 -25.89
C LEU B 192 29.68 -1.65 -26.08
N ASP B 193 29.93 -0.45 -25.55
CA ASP B 193 31.25 0.17 -25.61
C ASP B 193 32.19 -0.47 -24.61
N LEU B 194 31.65 -0.94 -23.48
CA LEU B 194 32.45 -1.64 -22.49
C LEU B 194 32.94 -3.00 -23.00
N GLY B 195 32.16 -3.62 -23.88
CA GLY B 195 32.56 -4.89 -24.47
C GLY B 195 31.59 -6.03 -24.18
N VAL B 196 30.39 -5.70 -23.72
CA VAL B 196 29.37 -6.71 -23.45
C VAL B 196 28.92 -7.35 -24.76
N ASP B 197 28.86 -8.67 -24.79
CA ASP B 197 28.59 -9.41 -26.02
C ASP B 197 27.11 -9.65 -26.30
N GLY B 198 26.25 -9.42 -25.31
CA GLY B 198 24.83 -9.66 -25.49
C GLY B 198 23.95 -9.18 -24.36
N PHE B 199 22.65 -9.06 -24.64
CA PHE B 199 21.69 -8.58 -23.67
C PHE B 199 20.46 -9.50 -23.59
N ARG B 200 20.02 -9.80 -22.39
CA ARG B 200 18.74 -10.45 -22.19
C ARG B 200 17.69 -9.38 -21.93
N LEU B 201 16.79 -9.21 -22.90
CA LEU B 201 15.77 -8.17 -22.80
C LEU B 201 14.56 -8.62 -21.97
N ASP B 202 14.53 -8.17 -20.71
CA ASP B 202 13.46 -8.51 -19.79
C ASP B 202 12.13 -7.89 -20.24
N THR B 203 11.10 -8.73 -20.34
CA THR B 203 9.75 -8.30 -20.70
C THR B 203 9.74 -7.39 -21.94
N VAL B 204 10.23 -7.91 -23.06
CA VAL B 204 10.44 -7.11 -24.26
C VAL B 204 9.13 -6.60 -24.88
N ASN B 205 8.04 -7.34 -24.70
CA ASN B 205 6.77 -6.98 -25.30
C ASN B 205 5.89 -6.10 -24.41
N PHE B 206 6.50 -5.55 -23.37
CA PHE B 206 5.78 -4.70 -22.42
C PHE B 206 6.14 -3.23 -22.61
N TYR B 207 7.02 -2.94 -23.57
CA TYR B 207 7.63 -1.61 -23.71
C TYR B 207 6.67 -0.43 -23.86
N PHE B 208 5.70 -0.55 -24.78
CA PHE B 208 4.82 0.57 -25.08
C PHE B 208 3.45 0.46 -24.41
N HIS B 209 2.78 1.61 -24.30
CA HIS B 209 1.41 1.68 -23.79
C HIS B 209 0.56 2.50 -24.74
N ASP B 210 -0.75 2.31 -24.68
CA ASP B 210 -1.66 3.10 -25.50
C ASP B 210 -1.75 4.52 -24.96
N ALA B 211 -1.37 5.48 -25.80
CA ALA B 211 -1.37 6.89 -25.41
C ALA B 211 -2.79 7.42 -25.23
N GLU B 212 -3.76 6.71 -25.80
CA GLU B 212 -5.16 7.10 -25.70
C GLU B 212 -5.79 6.56 -24.42
N LEU B 213 -5.03 5.75 -23.69
CA LEU B 213 -5.44 5.22 -22.40
C LEU B 213 -6.77 4.45 -22.43
N ARG B 214 -7.01 3.76 -23.54
CA ARG B 214 -8.26 3.01 -23.72
C ARG B 214 -8.36 1.82 -22.78
N ASP B 215 -9.59 1.44 -22.44
CA ASP B 215 -9.85 0.31 -21.56
C ASP B 215 -9.65 -1.02 -22.28
N ASN B 216 -9.11 -2.00 -21.56
CA ASN B 216 -9.01 -3.35 -22.08
C ASN B 216 -10.36 -4.03 -22.09
N PRO B 217 -10.66 -4.79 -23.15
CA PRO B 217 -11.92 -5.52 -23.25
C PRO B 217 -11.89 -6.79 -22.40
N PRO B 218 -13.06 -7.25 -21.92
CA PRO B 218 -13.14 -8.48 -21.13
C PRO B 218 -12.88 -9.72 -21.98
N VAL B 219 -12.37 -10.77 -21.34
CA VAL B 219 -12.15 -12.07 -21.97
C VAL B 219 -13.43 -12.91 -21.89
N PRO B 220 -14.12 -13.10 -23.04
CA PRO B 220 -15.48 -13.61 -23.19
C PRO B 220 -16.25 -13.89 -21.90
N LYS B 221 -16.72 -15.13 -21.72
CA LYS B 221 -17.38 -15.61 -20.49
C LYS B 221 -18.10 -16.94 -20.72
N GLU B 231 -1.63 -17.89 -10.36
CA GLU B 231 -2.71 -18.82 -10.02
C GLU B 231 -4.08 -18.32 -10.48
N ALA B 232 -4.69 -17.48 -9.65
CA ALA B 232 -6.05 -16.99 -9.92
C ALA B 232 -6.10 -15.47 -9.99
N ASN B 233 -5.34 -14.91 -10.93
CA ASN B 233 -5.17 -13.46 -11.02
C ASN B 233 -6.27 -12.82 -11.85
N PRO B 234 -6.87 -11.73 -11.34
CA PRO B 234 -7.83 -10.92 -12.09
C PRO B 234 -7.22 -10.34 -13.36
N TYR B 235 -5.90 -10.33 -13.42
CA TYR B 235 -5.15 -9.90 -14.60
C TYR B 235 -5.56 -10.68 -15.84
N THR B 236 -6.00 -11.92 -15.62
CA THR B 236 -6.38 -12.81 -16.71
C THR B 236 -7.81 -12.57 -17.19
N TRP B 237 -8.52 -11.64 -16.54
CA TRP B 237 -9.93 -11.41 -16.89
C TRP B 237 -10.09 -10.47 -18.08
N GLN B 238 -9.03 -9.78 -18.45
CA GLN B 238 -9.11 -8.82 -19.55
C GLN B 238 -8.05 -9.08 -20.63
N ARG B 239 -8.47 -8.96 -21.89
CA ARG B 239 -7.54 -9.07 -23.01
C ARG B 239 -6.61 -7.87 -23.01
N HIS B 240 -5.34 -8.12 -22.71
CA HIS B 240 -4.37 -7.05 -22.56
C HIS B 240 -3.90 -6.52 -23.91
N VAL B 241 -4.61 -5.51 -24.40
CA VAL B 241 -4.41 -4.98 -25.74
C VAL B 241 -3.69 -3.64 -25.72
N TYR B 242 -4.06 -2.78 -24.78
CA TYR B 242 -3.61 -1.40 -24.77
C TYR B 242 -2.48 -1.10 -23.77
N ASP B 243 -2.32 -1.96 -22.77
CA ASP B 243 -1.31 -1.73 -21.74
C ASP B 243 0.05 -2.30 -22.11
N LEU B 244 0.10 -3.05 -23.21
CA LEU B 244 1.34 -3.64 -23.72
C LEU B 244 1.12 -4.27 -25.10
N SER B 245 2.19 -4.83 -25.68
CA SER B 245 2.15 -5.40 -27.02
C SER B 245 1.67 -4.41 -28.06
N ARG B 246 2.14 -3.17 -27.95
CA ARG B 246 1.75 -2.11 -28.87
C ARG B 246 2.55 -2.18 -30.16
N PRO B 247 1.93 -1.80 -31.29
CA PRO B 247 2.56 -1.85 -32.62
C PRO B 247 3.88 -1.08 -32.68
N GLU B 248 3.88 0.14 -32.15
CA GLU B 248 5.05 1.02 -32.20
C GLU B 248 6.34 0.34 -31.74
N ASN B 249 6.20 -0.57 -30.78
CA ASN B 249 7.34 -1.31 -30.24
C ASN B 249 8.19 -1.95 -31.33
N LEU B 250 7.53 -2.51 -32.35
CA LEU B 250 8.22 -3.09 -33.49
C LEU B 250 9.27 -2.12 -34.01
N ASP B 251 8.83 -0.91 -34.33
CA ASP B 251 9.72 0.14 -34.80
C ASP B 251 10.91 0.29 -33.85
N PHE B 252 10.61 0.42 -32.55
CA PHE B 252 11.65 0.59 -31.56
C PHE B 252 12.65 -0.55 -31.63
N LEU B 253 12.14 -1.77 -31.78
CA LEU B 253 13.01 -2.94 -31.85
C LEU B 253 14.02 -2.76 -32.98
N LYS B 254 13.54 -2.29 -34.12
CA LYS B 254 14.42 -2.03 -35.26
C LYS B 254 15.55 -1.11 -34.83
N ASP B 255 15.19 0.00 -34.18
CA ASP B 255 16.16 0.94 -33.67
C ASP B 255 17.16 0.20 -32.79
N LEU B 256 16.64 -0.60 -31.87
CA LEU B 256 17.49 -1.36 -30.96
C LEU B 256 18.43 -2.23 -31.78
N ARG B 257 17.87 -2.93 -32.76
CA ARG B 257 18.66 -3.81 -33.62
C ARG B 257 19.75 -3.00 -34.30
N ALA B 258 19.40 -1.80 -34.76
CA ALA B 258 20.36 -0.94 -35.44
C ALA B 258 21.55 -0.69 -34.53
N LEU B 259 21.25 -0.41 -33.25
CA LEU B 259 22.30 -0.20 -32.26
C LEU B 259 23.19 -1.43 -32.21
N MET B 260 22.54 -2.60 -32.10
CA MET B 260 23.26 -3.85 -32.01
C MET B 260 24.06 -4.12 -33.28
N ASP B 261 23.64 -3.53 -34.39
CA ASP B 261 24.33 -3.71 -35.65
C ASP B 261 25.60 -2.87 -35.74
N GLU B 262 25.74 -1.90 -34.84
CA GLU B 262 26.94 -1.08 -34.82
C GLU B 262 28.09 -1.85 -34.15
N TYR B 263 27.74 -2.97 -33.53
CA TYR B 263 28.72 -3.80 -32.85
C TYR B 263 28.56 -5.26 -33.29
N PRO B 264 29.27 -5.64 -34.36
CA PRO B 264 29.21 -7.01 -34.90
C PRO B 264 29.59 -8.06 -33.86
N GLY B 265 28.78 -9.11 -33.76
CA GLY B 265 29.03 -10.17 -32.80
C GLY B 265 28.15 -10.06 -31.57
N THR B 266 27.44 -8.95 -31.45
CA THR B 266 26.54 -8.74 -30.32
C THR B 266 25.15 -9.27 -30.62
N THR B 267 24.43 -9.69 -29.58
CA THR B 267 23.12 -10.31 -29.76
C THR B 267 22.11 -9.86 -28.72
N THR B 268 20.84 -10.15 -28.98
CA THR B 268 19.77 -9.84 -28.05
C THR B 268 18.78 -10.99 -27.96
N VAL B 269 18.43 -11.36 -26.73
CA VAL B 269 17.38 -12.36 -26.51
C VAL B 269 16.25 -11.77 -25.68
N GLY B 270 15.05 -11.74 -26.26
CA GLY B 270 13.92 -11.12 -25.61
C GLY B 270 12.97 -12.12 -24.97
N GLN B 271 12.66 -11.89 -23.70
CA GLN B 271 11.68 -12.73 -23.01
C GLN B 271 10.28 -12.17 -23.23
N ILE B 272 9.39 -13.00 -23.75
CA ILE B 272 8.07 -12.53 -24.15
C ILE B 272 6.96 -13.01 -23.22
N GLY B 273 6.18 -12.07 -22.70
CA GLY B 273 5.01 -12.38 -21.91
C GLY B 273 3.75 -11.96 -22.63
N ASP B 274 3.09 -12.93 -23.27
CA ASP B 274 1.90 -12.65 -24.06
C ASP B 274 1.00 -13.89 -24.13
N ASP B 275 -0.30 -13.66 -24.28
CA ASP B 275 -1.26 -14.76 -24.35
C ASP B 275 -1.09 -15.58 -25.64
N ASN B 276 -0.51 -14.95 -26.65
CA ASN B 276 -0.10 -15.65 -27.86
C ASN B 276 1.41 -15.56 -28.03
N PRO B 277 2.15 -16.37 -27.26
CA PRO B 277 3.61 -16.28 -27.10
C PRO B 277 4.40 -16.54 -28.38
N LEU B 278 4.14 -17.67 -29.03
CA LEU B 278 4.90 -18.06 -30.22
C LEU B 278 4.66 -17.12 -31.39
N GLU B 279 3.42 -16.65 -31.54
CA GLU B 279 3.08 -15.71 -32.59
C GLU B 279 3.74 -14.36 -32.34
N ARG B 280 3.79 -13.95 -31.07
CA ARG B 280 4.44 -12.71 -30.70
C ARG B 280 5.94 -12.82 -30.94
N MET B 281 6.47 -14.03 -30.76
CA MET B 281 7.88 -14.30 -31.03
C MET B 281 8.15 -14.14 -32.52
N ALA B 282 7.28 -14.75 -33.33
CA ALA B 282 7.38 -14.66 -34.78
C ALA B 282 7.34 -13.21 -35.24
N GLU B 283 6.42 -12.44 -34.67
CA GLU B 283 6.29 -11.03 -35.02
C GLU B 283 7.52 -10.23 -34.60
N TYR B 284 8.06 -10.54 -33.43
CA TYR B 284 9.20 -9.80 -32.89
C TYR B 284 10.53 -10.18 -33.54
N THR B 285 10.54 -11.29 -34.28
CA THR B 285 11.76 -11.75 -34.91
C THR B 285 11.70 -11.72 -36.44
N ALA B 286 10.53 -11.41 -36.97
CA ALA B 286 10.31 -11.42 -38.42
C ALA B 286 11.17 -10.40 -39.15
N GLY B 287 11.79 -10.83 -40.25
CA GLY B 287 12.58 -9.95 -41.09
C GLY B 287 14.06 -9.95 -40.78
N GLY B 288 14.41 -10.39 -39.58
CA GLY B 288 15.80 -10.41 -39.17
C GLY B 288 16.36 -9.03 -38.93
N ASP B 289 15.46 -8.08 -38.66
CA ASP B 289 15.85 -6.69 -38.45
C ASP B 289 15.41 -6.21 -37.06
N LYS B 290 15.09 -7.15 -36.18
CA LYS B 290 14.70 -6.83 -34.82
C LYS B 290 15.44 -7.70 -33.81
N LEU B 291 14.70 -8.52 -33.07
CA LEU B 291 15.31 -9.42 -32.10
C LEU B 291 16.16 -10.49 -32.77
N HIS B 292 17.35 -10.74 -32.21
CA HIS B 292 18.21 -11.81 -32.70
C HIS B 292 17.59 -13.17 -32.37
N MET B 293 17.15 -13.31 -31.12
CA MET B 293 16.50 -14.53 -30.67
C MET B 293 15.53 -14.21 -29.54
N ALA B 294 14.73 -15.20 -29.14
CA ALA B 294 13.73 -14.99 -28.10
C ALA B 294 13.29 -16.30 -27.45
N TYR B 295 12.50 -16.18 -26.39
CA TYR B 295 11.96 -17.35 -25.70
C TYR B 295 10.73 -16.96 -24.87
N THR B 296 9.88 -17.95 -24.61
CA THR B 296 8.70 -17.73 -23.79
C THR B 296 8.70 -18.77 -22.66
N PHE B 297 8.95 -20.02 -23.05
CA PHE B 297 9.28 -21.12 -22.13
C PHE B 297 8.26 -21.54 -21.06
N ASP B 298 7.81 -22.81 -21.00
CA ASP B 298 8.13 -24.06 -21.77
C ASP B 298 8.96 -25.10 -20.98
N LEU B 299 9.63 -26.02 -21.68
CA LEU B 299 10.17 -27.24 -21.08
C LEU B 299 10.91 -27.08 -19.74
N LEU B 300 10.15 -26.71 -18.71
CA LEU B 300 10.71 -26.46 -17.39
C LEU B 300 9.77 -26.80 -16.23
N ASN B 301 9.57 -28.09 -15.95
CA ASN B 301 10.13 -29.19 -16.75
C ASN B 301 9.03 -30.25 -17.13
N MET B 302 8.92 -31.48 -16.59
CA MET B 302 9.79 -32.23 -15.67
C MET B 302 10.23 -33.45 -16.50
N PRO B 303 10.13 -34.70 -15.98
CA PRO B 303 9.97 -35.71 -17.02
C PRO B 303 8.83 -35.45 -17.99
N HIS B 304 9.03 -35.87 -19.24
CA HIS B 304 8.20 -35.58 -20.41
C HIS B 304 9.20 -35.61 -21.56
N SER B 305 8.91 -36.15 -22.76
CA SER B 305 7.79 -37.00 -23.21
C SER B 305 7.97 -36.94 -24.72
N ALA B 306 8.02 -38.09 -25.38
CA ALA B 306 8.18 -38.11 -26.84
C ALA B 306 7.05 -37.34 -27.51
N SER B 307 5.83 -37.63 -27.09
CA SER B 307 4.63 -36.97 -27.61
C SER B 307 4.62 -35.47 -27.32
N TYR B 308 4.93 -35.10 -26.08
CA TYR B 308 4.93 -33.69 -25.69
C TYR B 308 6.01 -32.90 -26.42
N LEU B 309 7.21 -33.47 -26.53
CA LEU B 309 8.29 -32.81 -27.25
C LEU B 309 7.96 -32.66 -28.74
N ARG B 310 7.35 -33.70 -29.31
CA ARG B 310 6.87 -33.62 -30.69
C ARG B 310 5.85 -32.49 -30.84
N GLU B 311 4.97 -32.38 -29.87
CA GLU B 311 3.93 -31.34 -29.88
C GLU B 311 4.55 -29.94 -29.84
N VAL B 312 5.52 -29.76 -28.94
CA VAL B 312 6.20 -28.48 -28.79
C VAL B 312 6.94 -28.11 -30.08
N ILE B 313 7.70 -29.06 -30.63
CA ILE B 313 8.44 -28.83 -31.86
C ILE B 313 7.52 -28.49 -33.02
N GLU B 314 6.43 -29.23 -33.17
CA GLU B 314 5.46 -28.99 -34.23
C GLU B 314 4.80 -27.61 -34.10
N ARG B 315 4.38 -27.28 -32.89
CA ARG B 315 3.77 -25.99 -32.62
C ARG B 315 4.73 -24.85 -32.92
N PHE B 316 6.01 -25.06 -32.59
CA PHE B 316 7.04 -24.06 -32.85
C PHE B 316 7.26 -23.89 -34.36
N GLN B 317 7.27 -25.01 -35.07
CA GLN B 317 7.49 -24.99 -36.51
C GLN B 317 6.30 -24.41 -37.26
N ARG B 318 5.12 -24.45 -36.63
CA ARG B 318 3.92 -23.92 -37.25
C ARG B 318 3.72 -22.44 -36.95
N LEU B 319 3.97 -22.06 -35.70
CA LEU B 319 3.74 -20.68 -35.26
C LEU B 319 4.98 -19.82 -35.31
N ALA B 320 5.99 -20.18 -34.51
CA ALA B 320 7.25 -19.43 -34.48
C ALA B 320 7.95 -19.51 -35.83
N GLY B 321 7.75 -18.48 -36.65
CA GLY B 321 8.28 -18.46 -38.00
C GLY B 321 9.80 -18.41 -38.06
N ASP B 322 10.34 -17.20 -38.12
CA ASP B 322 11.78 -17.01 -38.21
C ASP B 322 12.38 -16.71 -36.83
N ALA B 323 11.69 -17.17 -35.80
CA ALA B 323 12.12 -16.94 -34.43
C ALA B 323 13.15 -17.97 -33.99
N TRP B 324 14.42 -17.57 -33.94
CA TRP B 324 15.45 -18.44 -33.41
C TRP B 324 15.26 -18.58 -31.91
N PRO B 325 14.97 -19.80 -31.45
CA PRO B 325 14.67 -20.01 -30.02
C PRO B 325 15.94 -20.15 -29.19
N CYS B 326 15.84 -19.77 -27.92
CA CYS B 326 16.91 -20.00 -26.97
C CYS B 326 16.41 -20.95 -25.89
N TRP B 327 16.75 -22.23 -26.01
CA TRP B 327 16.23 -23.24 -25.10
C TRP B 327 16.91 -23.22 -23.72
N ALA B 328 16.20 -22.68 -22.73
CA ALA B 328 16.70 -22.59 -21.36
C ALA B 328 16.49 -23.89 -20.58
N THR B 329 17.20 -24.03 -19.45
CA THR B 329 17.14 -25.25 -18.65
C THR B 329 16.65 -24.99 -17.24
N SER B 330 16.42 -23.71 -16.92
CA SER B 330 15.73 -23.27 -15.70
C SER B 330 15.62 -21.75 -15.70
N ASP B 346 13.05 -44.04 -11.84
CA ASP B 346 14.28 -43.51 -11.26
C ASP B 346 15.18 -42.94 -12.35
N PRO B 347 15.26 -41.61 -12.44
CA PRO B 347 16.06 -40.89 -13.44
C PRO B 347 17.57 -41.11 -13.30
N HIS B 348 18.28 -40.08 -12.86
CA HIS B 348 19.75 -40.01 -12.85
C HIS B 348 20.43 -40.33 -14.20
N ALA B 349 19.85 -41.24 -14.97
CA ALA B 349 20.25 -41.46 -16.35
C ALA B 349 19.38 -40.62 -17.27
N TYR B 350 18.21 -40.24 -16.75
CA TYR B 350 17.26 -39.41 -17.49
C TYR B 350 17.69 -37.95 -17.72
N PRO B 351 18.25 -37.28 -16.68
CA PRO B 351 18.73 -35.92 -16.94
C PRO B 351 19.77 -35.86 -18.05
N LYS B 352 20.55 -36.92 -18.21
CA LYS B 352 21.57 -36.98 -19.24
C LYS B 352 20.97 -37.05 -20.64
N VAL B 353 19.97 -37.90 -20.82
CA VAL B 353 19.31 -38.04 -22.12
C VAL B 353 18.48 -36.79 -22.43
N MET B 354 17.98 -36.13 -21.38
CA MET B 354 17.28 -34.87 -21.56
C MET B 354 18.25 -33.77 -21.99
N LEU B 355 19.46 -33.83 -21.45
CA LEU B 355 20.52 -32.92 -21.88
C LEU B 355 20.88 -33.20 -23.33
N ALA B 356 20.82 -34.47 -23.72
CA ALA B 356 21.09 -34.86 -25.11
C ALA B 356 20.03 -34.30 -26.04
N VAL B 357 18.77 -34.40 -25.64
CA VAL B 357 17.67 -33.85 -26.42
C VAL B 357 17.80 -32.33 -26.55
N LEU B 358 18.02 -31.67 -25.42
CA LEU B 358 18.16 -30.22 -25.36
C LEU B 358 19.26 -29.69 -26.28
N PHE B 359 20.39 -30.37 -26.30
CA PHE B 359 21.53 -29.95 -27.10
C PHE B 359 21.39 -30.35 -28.57
N SER B 360 20.32 -31.06 -28.89
CA SER B 360 20.09 -31.53 -30.25
C SER B 360 18.95 -30.78 -30.94
N LEU B 361 18.22 -29.98 -30.18
CA LEU B 361 17.13 -29.19 -30.74
C LEU B 361 17.67 -28.02 -31.56
N ARG B 362 16.88 -27.56 -32.51
CA ARG B 362 17.24 -26.40 -33.31
C ARG B 362 17.08 -25.12 -32.50
N GLY B 363 18.16 -24.38 -32.33
CA GLY B 363 18.11 -23.13 -31.59
C GLY B 363 19.27 -23.00 -30.60
N SER B 364 19.29 -21.90 -29.87
CA SER B 364 20.31 -21.66 -28.86
C SER B 364 19.89 -22.28 -27.53
N VAL B 365 20.84 -22.37 -26.60
CA VAL B 365 20.58 -22.99 -25.30
C VAL B 365 21.02 -22.12 -24.13
N CYS B 366 20.12 -21.89 -23.18
CA CYS B 366 20.46 -21.18 -21.96
C CYS B 366 20.62 -22.19 -20.82
N LEU B 367 21.80 -22.79 -20.73
CA LEU B 367 22.03 -23.87 -19.78
C LEU B 367 22.23 -23.38 -18.35
N TYR B 368 21.28 -23.69 -17.48
CA TYR B 368 21.49 -23.56 -16.05
C TYR B 368 21.67 -24.95 -15.46
N GLN B 369 22.83 -25.18 -14.85
CA GLN B 369 23.07 -26.44 -14.15
C GLN B 369 23.75 -26.11 -12.83
N GLY B 370 22.92 -25.88 -11.81
CA GLY B 370 23.43 -25.42 -10.53
C GLY B 370 23.04 -26.29 -9.35
N GLU B 371 22.90 -25.65 -8.19
CA GLU B 371 22.69 -26.33 -6.93
C GLU B 371 21.26 -26.11 -6.43
N GLU B 372 20.67 -24.99 -6.80
CA GLU B 372 19.33 -24.64 -6.36
C GLU B 372 18.41 -24.36 -7.55
N ASP B 441 28.75 -33.55 -5.21
CA ASP B 441 27.36 -33.26 -5.58
C ASP B 441 27.29 -32.97 -7.08
N PRO B 442 27.01 -34.02 -7.88
CA PRO B 442 27.01 -34.13 -9.35
C PRO B 442 26.97 -32.79 -10.12
N ASN B 443 27.94 -32.35 -10.95
CA ASN B 443 29.13 -33.06 -11.42
C ASN B 443 28.94 -34.27 -12.37
N ALA B 444 28.04 -35.20 -12.02
CA ALA B 444 27.76 -36.36 -12.89
C ALA B 444 27.09 -35.93 -14.18
N THR B 445 26.45 -34.78 -14.09
CA THR B 445 25.78 -34.19 -15.23
C THR B 445 26.69 -33.25 -16.03
N LEU B 446 27.64 -32.63 -15.35
CA LEU B 446 28.52 -31.65 -16.00
C LEU B 446 29.49 -32.29 -16.98
N ASN B 447 30.00 -33.47 -16.64
CA ASN B 447 30.86 -34.21 -17.56
C ASN B 447 30.09 -34.60 -18.82
N THR B 448 28.83 -35.00 -18.61
CA THR B 448 27.92 -35.29 -19.71
C THR B 448 27.75 -34.06 -20.58
N VAL B 449 27.60 -32.90 -19.93
CA VAL B 449 27.48 -31.63 -20.64
C VAL B 449 28.72 -31.37 -21.50
N ARG B 450 29.90 -31.61 -20.92
CA ARG B 450 31.16 -31.45 -21.64
C ARG B 450 31.20 -32.31 -22.89
N ALA B 451 30.97 -33.62 -22.72
CA ALA B 451 31.01 -34.55 -23.84
C ALA B 451 30.00 -34.19 -24.93
N LEU B 452 28.76 -33.96 -24.51
CA LEU B 452 27.68 -33.61 -25.42
C LEU B 452 27.98 -32.33 -26.20
N LEU B 453 28.57 -31.35 -25.52
CA LEU B 453 28.88 -30.08 -26.16
C LEU B 453 30.07 -30.18 -27.10
N ALA B 454 31.01 -31.06 -26.79
CA ALA B 454 32.13 -31.32 -27.69
C ALA B 454 31.61 -31.97 -28.97
N PHE B 455 30.80 -33.02 -28.79
CA PHE B 455 30.18 -33.72 -29.91
C PHE B 455 29.35 -32.77 -30.78
N ARG B 456 28.56 -31.93 -30.11
CA ARG B 456 27.71 -30.95 -30.77
C ARG B 456 28.56 -29.94 -31.54
N ARG B 457 29.70 -29.57 -30.96
CA ARG B 457 30.60 -28.60 -31.57
C ARG B 457 31.31 -29.20 -32.78
N SER B 458 31.40 -30.52 -32.81
CA SER B 458 32.05 -31.19 -33.94
C SER B 458 31.12 -31.40 -35.14
N HIS B 459 29.86 -30.98 -35.03
CA HIS B 459 28.89 -31.16 -36.10
C HIS B 459 28.07 -29.90 -36.38
N PRO B 460 28.25 -29.30 -37.57
CA PRO B 460 27.54 -28.10 -38.01
C PRO B 460 26.02 -28.27 -38.01
N ALA B 461 25.55 -29.46 -38.36
CA ALA B 461 24.11 -29.74 -38.40
C ALA B 461 23.51 -29.66 -37.00
N LEU B 462 24.35 -29.84 -35.99
CA LEU B 462 23.90 -29.76 -34.60
C LEU B 462 24.07 -28.34 -34.06
N PHE B 463 24.64 -27.46 -34.87
CA PHE B 463 24.81 -26.07 -34.46
C PHE B 463 23.61 -25.23 -34.89
N ASP B 464 23.26 -25.31 -36.18
CA ASP B 464 22.14 -24.55 -36.70
C ASP B 464 21.49 -25.22 -37.91
N GLY B 465 21.50 -26.55 -37.93
CA GLY B 465 20.88 -27.30 -39.01
C GLY B 465 19.37 -27.35 -38.87
N ASP B 466 18.68 -27.55 -39.98
CA ASP B 466 17.22 -27.66 -39.97
C ASP B 466 16.80 -28.94 -39.24
N LEU B 467 15.64 -28.88 -38.59
CA LEU B 467 15.13 -30.03 -37.85
C LEU B 467 13.86 -30.58 -38.51
N SER B 468 13.86 -31.88 -38.76
CA SER B 468 12.71 -32.53 -39.39
C SER B 468 12.32 -33.80 -38.64
N LEU B 469 11.17 -33.78 -38.00
CA LEU B 469 10.67 -34.93 -37.24
C LEU B 469 10.47 -36.15 -38.12
N VAL B 470 10.90 -37.31 -37.63
CA VAL B 470 10.73 -38.57 -38.35
C VAL B 470 9.94 -39.57 -37.54
N ASP B 471 9.37 -40.56 -38.21
CA ASP B 471 8.57 -41.57 -37.54
C ASP B 471 9.43 -42.64 -36.89
N VAL B 472 9.50 -42.60 -35.56
CA VAL B 472 10.28 -43.55 -34.79
C VAL B 472 9.33 -44.27 -33.83
N GLY B 473 8.07 -43.86 -33.86
CA GLY B 473 7.05 -44.45 -33.00
C GLY B 473 6.57 -43.46 -31.96
N ASP B 474 5.46 -43.79 -31.31
CA ASP B 474 4.88 -42.92 -30.30
C ASP B 474 5.76 -42.81 -29.05
N ASP B 475 6.39 -43.92 -28.68
CA ASP B 475 7.14 -43.98 -27.44
C ASP B 475 8.64 -43.71 -27.60
N LEU B 476 8.99 -42.96 -28.65
CA LEU B 476 10.38 -42.62 -28.92
C LEU B 476 10.45 -41.30 -29.66
N LEU B 477 11.51 -40.52 -29.45
CA LEU B 477 11.61 -39.22 -30.11
C LEU B 477 12.72 -39.17 -31.16
N GLY B 478 12.34 -39.04 -32.42
CA GLY B 478 13.33 -39.01 -33.48
C GLY B 478 13.19 -37.83 -34.43
N PHE B 479 14.33 -37.27 -34.83
CA PHE B 479 14.34 -36.20 -35.83
C PHE B 479 15.69 -36.08 -36.52
N THR B 480 15.70 -35.47 -37.70
CA THR B 480 16.94 -35.27 -38.44
C THR B 480 17.39 -33.82 -38.38
N ARG B 481 18.70 -33.62 -38.28
CA ARG B 481 19.29 -32.28 -38.31
C ARG B 481 20.17 -32.17 -39.55
N GLN B 482 19.95 -31.13 -40.36
CA GLN B 482 20.68 -31.02 -41.62
C GLN B 482 21.25 -29.64 -41.94
N LYS B 483 22.54 -29.62 -42.25
CA LYS B 483 23.17 -28.43 -42.83
C LYS B 483 24.25 -28.84 -43.83
N GLY B 484 24.12 -28.38 -45.07
CA GLY B 484 25.07 -28.71 -46.11
C GLY B 484 25.07 -30.18 -46.48
N ASP B 485 26.24 -30.80 -46.43
CA ASP B 485 26.37 -32.22 -46.77
C ASP B 485 26.08 -33.12 -45.58
N GLU B 486 25.95 -32.52 -44.39
CA GLU B 486 25.74 -33.30 -43.18
C GLU B 486 24.27 -33.42 -42.79
N THR B 487 23.82 -34.66 -42.61
CA THR B 487 22.49 -34.94 -42.10
C THR B 487 22.60 -36.00 -41.00
N LEU B 488 22.15 -35.66 -39.80
CA LEU B 488 22.26 -36.57 -38.67
C LEU B 488 20.89 -37.01 -38.16
N LEU B 489 20.73 -38.32 -38.00
CA LEU B 489 19.53 -38.86 -37.38
C LEU B 489 19.72 -38.94 -35.87
N CYS B 490 18.86 -38.24 -35.15
CA CYS B 490 18.90 -38.21 -33.69
C CYS B 490 17.69 -38.92 -33.12
N VAL B 491 17.94 -39.99 -32.36
CA VAL B 491 16.87 -40.76 -31.73
C VAL B 491 17.07 -40.78 -30.22
N PHE B 492 15.98 -40.58 -29.48
CA PHE B 492 16.05 -40.47 -28.03
C PHE B 492 14.98 -41.31 -27.35
N ASN B 493 15.40 -42.04 -26.32
CA ASN B 493 14.50 -42.81 -25.49
C ASN B 493 14.25 -42.11 -24.17
N LEU B 494 13.07 -41.53 -24.02
CA LEU B 494 12.72 -40.75 -22.84
C LEU B 494 11.92 -41.60 -21.85
N THR B 495 11.79 -42.89 -22.15
CA THR B 495 11.04 -43.79 -21.29
C THR B 495 11.96 -44.67 -20.45
N GLY B 496 11.41 -45.28 -19.42
CA GLY B 496 12.17 -46.14 -18.53
C GLY B 496 12.13 -47.60 -18.95
N GLN B 497 11.87 -47.82 -20.24
CA GLN B 497 11.81 -49.17 -20.80
C GLN B 497 12.70 -49.28 -22.02
N GLU B 498 13.05 -50.50 -22.40
CA GLU B 498 13.78 -50.73 -23.64
C GLU B 498 12.83 -50.57 -24.81
N GLN B 499 13.25 -49.80 -25.81
CA GLN B 499 12.42 -49.52 -26.97
C GLN B 499 13.11 -49.97 -28.25
N GLN B 500 12.32 -50.38 -29.24
CA GLN B 500 12.85 -50.73 -30.54
C GLN B 500 12.14 -49.95 -31.64
N THR B 501 12.84 -49.71 -32.74
CA THR B 501 12.26 -48.98 -33.85
C THR B 501 12.92 -49.33 -35.19
N THR B 502 12.18 -49.14 -36.27
CA THR B 502 12.72 -49.32 -37.60
C THR B 502 13.18 -47.95 -38.12
N LEU B 503 14.41 -47.90 -38.62
CA LEU B 503 14.96 -46.64 -39.12
C LEU B 503 14.40 -46.32 -40.51
N PRO B 504 13.79 -45.13 -40.64
CA PRO B 504 13.14 -44.70 -41.87
C PRO B 504 14.13 -44.25 -42.95
N VAL B 505 15.39 -44.09 -42.57
CA VAL B 505 16.44 -43.68 -43.51
C VAL B 505 17.65 -44.59 -43.40
N GLU B 506 18.52 -44.51 -44.41
CA GLU B 506 19.75 -45.30 -44.41
C GLU B 506 20.84 -44.62 -43.59
N VAL B 507 21.52 -45.38 -42.76
CA VAL B 507 22.58 -44.85 -41.92
C VAL B 507 23.96 -45.08 -42.54
N ALA B 508 24.68 -43.99 -42.79
CA ALA B 508 26.04 -44.08 -43.29
C ALA B 508 26.96 -44.58 -42.18
N SER B 509 26.79 -44.05 -40.97
CA SER B 509 27.63 -44.51 -39.85
C SER B 509 27.02 -44.27 -38.47
N ASP B 510 27.52 -45.00 -37.47
CA ASP B 510 27.10 -44.81 -36.10
C ASP B 510 28.01 -43.81 -35.39
N LEU B 511 27.42 -42.90 -34.63
CA LEU B 511 28.21 -41.89 -33.93
C LEU B 511 28.17 -42.10 -32.41
N PRO B 512 29.31 -42.55 -31.84
CA PRO B 512 29.43 -42.76 -30.40
C PRO B 512 29.42 -41.44 -29.64
N VAL B 513 28.52 -41.32 -28.67
CA VAL B 513 28.38 -40.08 -27.91
C VAL B 513 28.28 -40.33 -26.41
N ALA B 514 29.25 -39.78 -25.67
CA ALA B 514 29.25 -39.84 -24.20
C ALA B 514 29.12 -41.26 -23.65
N HIS B 515 28.15 -41.44 -22.77
CA HIS B 515 27.96 -42.72 -22.08
C HIS B 515 26.88 -43.56 -22.74
N PHE B 516 26.21 -42.98 -23.74
CA PHE B 516 25.06 -43.61 -24.37
C PHE B 516 25.36 -44.94 -25.03
N THR B 517 24.45 -45.90 -24.86
CA THR B 517 24.58 -47.21 -25.49
C THR B 517 23.29 -47.62 -26.21
N ALA B 518 23.43 -48.06 -27.44
CA ALA B 518 22.30 -48.53 -28.24
C ALA B 518 22.79 -49.57 -29.23
N THR B 519 21.89 -50.48 -29.61
CA THR B 519 22.25 -51.57 -30.52
C THR B 519 21.57 -51.42 -31.87
N ARG B 520 22.37 -51.25 -32.92
CA ARG B 520 21.83 -51.12 -34.27
C ARG B 520 22.15 -52.33 -35.12
N ASP B 521 21.11 -53.06 -35.52
CA ASP B 521 21.26 -54.19 -36.42
C ASP B 521 20.42 -53.96 -37.67
N GLY B 522 21.09 -53.80 -38.81
CA GLY B 522 20.42 -53.47 -40.06
C GLY B 522 19.77 -52.10 -39.97
N SER B 523 18.46 -52.06 -40.14
CA SER B 523 17.71 -50.82 -40.00
C SER B 523 16.91 -50.83 -38.70
N THR B 524 17.22 -51.79 -37.83
CA THR B 524 16.55 -51.89 -36.53
C THR B 524 17.41 -51.31 -35.42
N LEU B 525 16.85 -50.33 -34.71
CA LEU B 525 17.56 -49.69 -33.61
C LEU B 525 16.91 -50.00 -32.28
N THR B 526 17.72 -50.45 -31.33
CA THR B 526 17.25 -50.78 -29.99
C THR B 526 17.92 -49.89 -28.95
N LEU B 527 17.10 -49.14 -28.21
CA LEU B 527 17.62 -48.24 -27.19
C LEU B 527 17.13 -48.65 -25.80
N PRO B 528 18.07 -48.97 -24.90
CA PRO B 528 17.72 -49.21 -23.49
C PRO B 528 17.14 -47.96 -22.85
N ALA B 529 16.69 -48.06 -21.60
CA ALA B 529 16.06 -46.95 -20.90
C ALA B 529 16.97 -45.72 -20.82
N TYR B 530 16.42 -44.57 -21.19
CA TYR B 530 17.12 -43.28 -21.11
C TYR B 530 18.41 -43.25 -21.91
N GLN B 531 18.38 -43.85 -23.11
CA GLN B 531 19.54 -43.86 -23.99
C GLN B 531 19.25 -43.08 -25.27
N ALA B 532 20.31 -42.69 -25.96
CA ALA B 532 20.18 -41.91 -27.19
C ALA B 532 21.14 -42.40 -28.27
N ALA B 533 20.72 -42.30 -29.52
CA ALA B 533 21.53 -42.74 -30.65
C ALA B 533 21.63 -41.67 -31.73
N PHE B 534 22.86 -41.38 -32.13
CA PHE B 534 23.13 -40.42 -33.20
C PHE B 534 23.77 -41.12 -34.38
N MET B 535 23.28 -40.85 -35.58
CA MET B 535 23.78 -41.54 -36.78
C MET B 535 24.02 -40.59 -37.94
N GLN B 536 25.11 -40.81 -38.68
CA GLN B 536 25.33 -40.11 -39.92
C GLN B 536 24.50 -40.77 -41.03
N VAL B 537 23.56 -40.00 -41.57
CA VAL B 537 22.63 -40.47 -42.59
C VAL B 537 23.27 -40.52 -43.97
N ALA B 538 23.07 -41.64 -44.67
CA ALA B 538 23.58 -41.79 -46.03
C ALA B 538 22.77 -40.97 -47.02
#